data_2B0O
#
_entry.id   2B0O
#
_cell.length_a   54.055
_cell.length_b   106.716
_cell.length_c   100.365
_cell.angle_alpha   90.00
_cell.angle_beta   98.97
_cell.angle_gamma   90.00
#
_symmetry.space_group_name_H-M   'P 1 21 1'
#
loop_
_entity.id
_entity.type
_entity.pdbx_description
1 polymer UPLC1
2 non-polymer 'ZINC ION'
3 water water
#
_entity_poly.entity_id   1
_entity_poly.type   'polypeptide(L)'
_entity_poly.pdbx_seq_one_letter_code
;MGSSHHHHHHSSGLVPRGSGHDGEPHDLTKLLIAEVKSRPGNSQCCDCGAADPTWLSTNLGVLTCIQCSGVHRELGVRFS
RMQSLTLDLLGPSELLLALNMGNTSFNEVMEAQLPSHGGPKPSAESDMGTRRDYIMAKYVEHRFARRCTPEPQRLWTAIC
NRDLLSVLEAFANGQDFGQPLPGPDAQAPEELVLHLAVKVANQASLPLVDFIIQNGGHLDAKAADGNTALHYAALYNQPD
CLKLLLKGRALVGTVNEAGETALDIARKKHHKECEELLEQAQAGTFAFPLHVDYSWVISTE
;
_entity_poly.pdbx_strand_id   E,F,G,H
#
# COMPACT_ATOMS: atom_id res chain seq x y z
N ASP A 27 -6.86 17.40 -8.71
CA ASP A 27 -6.75 18.12 -7.41
C ASP A 27 -5.51 17.64 -6.65
N LEU A 28 -5.31 16.32 -6.60
CA LEU A 28 -4.14 15.79 -5.93
C LEU A 28 -2.80 16.13 -6.68
N THR A 29 -2.81 15.98 -7.99
CA THR A 29 -1.62 16.29 -8.78
C THR A 29 -1.23 17.75 -8.63
N LYS A 30 -2.23 18.64 -8.58
CA LYS A 30 -2.09 20.06 -8.29
C LYS A 30 -1.34 20.32 -6.99
N LEU A 31 -1.75 19.64 -5.91
CA LEU A 31 -1.00 19.69 -4.67
C LEU A 31 0.47 19.29 -4.85
N LEU A 32 0.73 18.16 -5.53
CA LEU A 32 2.11 17.70 -5.62
C LEU A 32 2.97 18.63 -6.47
N ILE A 33 2.37 19.22 -7.51
CA ILE A 33 3.08 20.14 -8.40
C ILE A 33 3.46 21.40 -7.63
N ALA A 34 2.53 21.97 -6.87
CA ALA A 34 2.89 23.09 -5.99
C ALA A 34 4.01 22.72 -5.02
N GLU A 35 3.94 21.52 -4.46
CA GLU A 35 5.05 21.02 -3.59
C GLU A 35 6.38 20.94 -4.36
N VAL A 36 6.36 20.38 -5.57
CA VAL A 36 7.59 20.34 -6.36
C VAL A 36 8.16 21.79 -6.57
N LYS A 37 7.31 22.72 -6.98
CA LYS A 37 7.80 24.06 -7.27
C LYS A 37 8.36 24.78 -6.05
N SER A 38 7.97 24.35 -4.87
CA SER A 38 8.46 24.95 -3.67
C SER A 38 9.76 24.31 -3.12
N ARG A 39 10.34 23.33 -3.81
CA ARG A 39 11.55 22.67 -3.28
C ARG A 39 12.70 23.65 -3.37
N PRO A 40 13.70 23.55 -2.48
CA PRO A 40 14.81 24.50 -2.56
C PRO A 40 15.44 24.57 -3.94
N GLY A 41 15.53 25.79 -4.46
CA GLY A 41 16.18 26.05 -5.73
C GLY A 41 15.25 25.94 -6.94
N ASN A 42 14.00 25.53 -6.73
CA ASN A 42 13.07 25.29 -7.88
C ASN A 42 12.37 26.53 -8.44
N SER A 43 12.62 27.69 -7.83
CA SER A 43 12.12 28.96 -8.41
C SER A 43 13.03 29.47 -9.54
N GLN A 44 14.15 28.77 -9.80
CA GLN A 44 15.05 29.14 -10.88
C GLN A 44 15.50 27.89 -11.62
N CYS A 45 15.63 28.02 -12.93
CA CYS A 45 16.03 26.93 -13.79
C CYS A 45 17.34 26.34 -13.28
N CYS A 46 17.39 25.01 -13.30
CA CYS A 46 18.52 24.25 -12.82
C CYS A 46 19.82 24.68 -13.55
N ASP A 47 19.69 24.92 -14.85
CA ASP A 47 20.84 25.09 -15.70
C ASP A 47 21.19 26.54 -16.02
N CYS A 48 20.21 27.45 -15.93
CA CYS A 48 20.50 28.84 -16.33
C CYS A 48 19.98 29.93 -15.37
N GLY A 49 19.23 29.52 -14.37
CA GLY A 49 18.76 30.47 -13.37
C GLY A 49 17.50 31.21 -13.77
N ALA A 50 16.99 31.00 -14.98
CA ALA A 50 15.74 31.66 -15.35
C ALA A 50 14.65 31.47 -14.28
N ALA A 51 13.84 32.50 -14.01
CA ALA A 51 12.80 32.43 -12.98
C ALA A 51 11.69 31.48 -13.36
N ASP A 52 11.10 30.86 -12.36
CA ASP A 52 9.92 30.01 -12.50
C ASP A 52 9.99 28.92 -13.60
N PRO A 53 10.98 28.01 -13.50
CA PRO A 53 11.07 26.95 -14.51
C PRO A 53 9.81 26.03 -14.40
N THR A 54 9.26 25.58 -15.52
CA THR A 54 8.06 24.75 -15.50
C THR A 54 8.24 23.39 -16.23
N TRP A 55 9.49 23.09 -16.61
CA TRP A 55 9.77 21.84 -17.31
C TRP A 55 10.54 20.88 -16.40
N LEU A 56 9.97 19.71 -16.25
CA LEU A 56 10.55 18.76 -15.30
C LEU A 56 11.29 17.66 -16.07
N SER A 57 12.56 17.44 -15.73
CA SER A 57 13.31 16.22 -16.12
C SER A 57 12.89 15.09 -15.18
N THR A 58 11.99 14.23 -15.62
CA THR A 58 11.34 13.34 -14.63
C THR A 58 12.32 12.31 -13.98
N ASN A 59 13.33 11.85 -14.74
CA ASN A 59 14.30 10.85 -14.26
C ASN A 59 15.36 11.46 -13.36
N LEU A 60 15.45 12.79 -13.37
CA LEU A 60 16.42 13.48 -12.55
C LEU A 60 15.79 14.30 -11.44
N GLY A 61 14.50 14.60 -11.54
CA GLY A 61 13.82 15.45 -10.54
C GLY A 61 14.29 16.91 -10.47
N VAL A 62 14.70 17.49 -11.61
CA VAL A 62 15.03 18.94 -11.64
C VAL A 62 14.11 19.70 -12.56
N LEU A 63 14.02 21.03 -12.35
CA LEU A 63 13.12 21.90 -13.14
C LEU A 63 13.93 22.87 -13.96
N THR A 64 13.60 22.95 -15.25
CA THR A 64 14.27 23.89 -16.15
C THR A 64 13.33 24.80 -16.88
N CYS A 65 13.89 25.81 -17.51
CA CYS A 65 13.12 26.76 -18.30
C CYS A 65 12.88 26.11 -19.65
N ILE A 66 12.08 26.79 -20.47
CA ILE A 66 11.81 26.34 -21.82
C ILE A 66 13.03 26.13 -22.70
N GLN A 67 13.98 27.06 -22.72
CA GLN A 67 15.15 26.89 -23.60
C GLN A 67 16.04 25.72 -23.16
N CYS A 68 16.23 25.55 -21.87
CA CYS A 68 17.11 24.48 -21.38
C CYS A 68 16.41 23.12 -21.55
N SER A 69 15.09 23.11 -21.44
CA SER A 69 14.30 21.85 -21.67
C SER A 69 14.51 21.24 -23.05
N GLY A 70 14.56 22.08 -24.09
CA GLY A 70 14.81 21.64 -25.44
C GLY A 70 16.18 20.97 -25.59
N VAL A 71 17.20 21.53 -24.92
CA VAL A 71 18.55 20.92 -24.94
C VAL A 71 18.53 19.57 -24.21
N HIS A 72 17.95 19.54 -23.01
CA HIS A 72 17.71 18.25 -22.31
C HIS A 72 17.09 17.22 -23.23
N ARG A 73 15.96 17.56 -23.85
CA ARG A 73 15.26 16.61 -24.69
C ARG A 73 16.16 16.08 -25.84
N GLU A 74 16.92 16.99 -26.43
CA GLU A 74 17.88 16.67 -27.48
C GLU A 74 19.00 15.71 -27.04
N LEU A 75 19.26 15.64 -25.74
CA LEU A 75 20.25 14.71 -25.20
C LEU A 75 19.80 13.27 -25.44
N GLY A 76 18.50 13.01 -25.42
CA GLY A 76 18.04 11.63 -25.57
C GLY A 76 17.45 11.08 -24.30
N VAL A 77 16.59 10.05 -24.44
CA VAL A 77 15.86 9.44 -23.30
C VAL A 77 16.78 8.91 -22.21
N ARG A 78 17.98 8.49 -22.60
CA ARG A 78 18.97 7.92 -21.66
C ARG A 78 19.33 8.97 -20.54
N PHE A 79 19.44 10.23 -20.97
CA PHE A 79 19.87 11.32 -20.12
C PHE A 79 18.73 12.07 -19.42
N SER A 80 17.65 12.37 -20.14
CA SER A 80 16.64 13.21 -19.57
C SER A 80 15.35 13.00 -20.36
N ARG A 81 14.22 12.94 -19.64
CA ARG A 81 12.91 12.92 -20.24
C ARG A 81 12.15 14.12 -19.67
N MET A 82 11.79 15.05 -20.54
CA MET A 82 11.20 16.35 -20.19
C MET A 82 9.70 16.37 -20.32
N GLN A 83 9.03 16.81 -19.27
CA GLN A 83 7.59 17.03 -19.30
C GLN A 83 7.23 18.35 -18.66
N SER A 84 6.23 19.02 -19.19
CA SER A 84 5.79 20.33 -18.64
C SER A 84 4.84 20.16 -17.46
N LEU A 85 5.19 20.76 -16.32
CA LEU A 85 4.33 20.82 -15.15
C LEU A 85 2.98 21.49 -15.42
N THR A 86 2.97 22.43 -16.38
CA THR A 86 1.81 23.23 -16.78
C THR A 86 1.01 22.58 -17.90
N LEU A 87 1.68 22.06 -18.93
CA LEU A 87 1.05 21.70 -20.22
C LEU A 87 0.78 20.20 -20.42
N ASP A 88 1.55 19.36 -19.75
CA ASP A 88 1.58 17.90 -20.06
C ASP A 88 0.93 17.15 -18.92
N LEU A 89 0.31 16.01 -19.25
CA LEU A 89 -0.36 15.18 -18.24
C LEU A 89 0.68 14.51 -17.33
N LEU A 90 0.51 14.70 -16.03
CA LEU A 90 1.43 14.20 -15.04
C LEU A 90 0.62 13.63 -13.87
N GLY A 91 1.25 12.74 -13.15
CA GLY A 91 0.61 12.12 -12.00
C GLY A 91 1.69 11.89 -11.01
N PRO A 92 1.31 11.38 -9.82
CA PRO A 92 2.19 11.09 -8.70
C PRO A 92 3.46 10.34 -9.06
N SER A 93 3.36 9.40 -10.00
CA SER A 93 4.46 8.51 -10.36
C SER A 93 5.67 9.26 -10.98
N GLU A 94 5.36 10.21 -11.85
CA GLU A 94 6.35 11.01 -12.56
C GLU A 94 6.93 12.05 -11.64
N LEU A 95 6.28 12.30 -10.50
CA LEU A 95 6.70 13.35 -9.59
C LEU A 95 7.55 12.92 -8.40
N LEU A 96 7.70 11.62 -8.23
CA LEU A 96 8.30 11.04 -7.05
C LEU A 96 9.70 11.63 -6.86
N LEU A 97 10.54 11.59 -7.91
CA LEU A 97 11.91 12.08 -7.79
C LEU A 97 11.95 13.63 -7.60
N ALA A 98 11.14 14.33 -8.38
CA ALA A 98 10.99 15.80 -8.24
C ALA A 98 10.70 16.26 -6.80
N LEU A 99 9.87 15.48 -6.10
CA LEU A 99 9.45 15.80 -4.72
C LEU A 99 10.58 15.61 -3.74
N ASN A 100 11.55 14.81 -4.19
CA ASN A 100 12.64 14.46 -3.33
C ASN A 100 13.99 14.96 -3.76
N MET A 101 14.08 15.64 -4.89
CA MET A 101 15.36 16.14 -5.40
C MET A 101 15.37 17.67 -5.30
N GLY A 102 15.06 18.36 -6.39
CA GLY A 102 15.05 19.81 -6.40
C GLY A 102 16.40 20.32 -6.86
N ASN A 103 16.39 21.52 -7.44
CA ASN A 103 17.55 22.03 -8.13
C ASN A 103 18.78 22.23 -7.22
N THR A 104 18.57 22.67 -5.99
CA THR A 104 19.70 23.00 -5.10
C THR A 104 20.45 21.74 -4.70
N SER A 105 19.71 20.73 -4.25
CA SER A 105 20.26 19.38 -3.99
C SER A 105 21.02 18.84 -5.16
N PHE A 106 20.39 18.89 -6.32
CA PHE A 106 20.99 18.34 -7.51
C PHE A 106 22.29 19.06 -7.83
N ASN A 107 22.22 20.39 -7.82
CA ASN A 107 23.36 21.21 -8.21
C ASN A 107 24.49 21.21 -7.18
N GLU A 108 24.16 21.02 -5.90
CA GLU A 108 25.19 20.83 -4.86
C GLU A 108 26.17 19.71 -5.30
N VAL A 109 25.64 18.64 -5.88
CA VAL A 109 26.50 17.61 -6.52
C VAL A 109 27.00 18.01 -7.91
N MET A 110 26.07 18.40 -8.81
CA MET A 110 26.36 18.36 -10.26
C MET A 110 27.13 19.59 -10.74
N GLU A 111 27.23 20.59 -9.86
CA GLU A 111 27.92 21.85 -10.21
C GLU A 111 28.96 22.15 -9.14
N ALA A 112 29.29 21.18 -8.28
CA ALA A 112 30.25 21.42 -7.19
C ALA A 112 31.57 22.08 -7.63
N GLN A 113 32.02 21.81 -8.86
CA GLN A 113 33.30 22.30 -9.33
C GLN A 113 33.27 23.73 -9.87
N LEU A 114 32.09 24.34 -9.95
CA LEU A 114 31.99 25.68 -10.58
C LEU A 114 32.52 26.73 -9.63
N PRO A 115 33.17 27.78 -10.18
CA PRO A 115 33.60 28.87 -9.30
C PRO A 115 32.40 29.76 -9.00
N SER A 116 32.52 30.55 -7.93
CA SER A 116 31.52 31.50 -7.46
C SER A 116 31.11 32.51 -8.51
N HIS A 117 32.02 32.85 -9.42
CA HIS A 117 31.75 33.85 -10.45
C HIS A 117 32.57 33.50 -11.68
N GLY A 118 32.18 34.02 -12.83
CA GLY A 118 32.92 33.86 -14.10
C GLY A 118 33.07 32.44 -14.63
N GLY A 119 32.20 31.54 -14.13
CA GLY A 119 32.08 30.19 -14.67
C GLY A 119 31.26 30.06 -15.94
N PRO A 120 31.08 28.82 -16.46
CA PRO A 120 30.45 28.54 -17.74
C PRO A 120 28.90 28.46 -17.70
N LYS A 121 28.30 28.58 -16.52
CA LYS A 121 26.87 28.36 -16.37
C LYS A 121 26.12 29.49 -17.05
N PRO A 122 25.28 29.15 -18.05
CA PRO A 122 24.56 30.18 -18.77
C PRO A 122 23.58 30.98 -17.88
N SER A 123 23.02 32.03 -18.47
CA SER A 123 22.00 32.82 -17.82
C SER A 123 20.81 32.74 -18.74
N ALA A 124 19.68 33.29 -18.31
CA ALA A 124 18.45 33.32 -19.08
C ALA A 124 18.65 33.84 -20.50
N GLU A 125 19.54 34.81 -20.64
CA GLU A 125 19.74 35.49 -21.89
C GLU A 125 20.81 34.83 -22.80
N SER A 126 21.43 33.74 -22.35
CA SER A 126 22.52 33.12 -23.14
C SER A 126 22.08 32.58 -24.48
N ASP A 127 22.99 32.64 -25.47
CA ASP A 127 22.82 32.03 -26.78
C ASP A 127 22.76 30.50 -26.70
N MET A 128 22.23 29.87 -27.73
CA MET A 128 21.89 28.45 -27.65
C MET A 128 23.12 27.55 -27.71
N GLY A 129 24.14 27.97 -28.47
CA GLY A 129 25.44 27.28 -28.53
C GLY A 129 26.03 27.20 -27.15
N THR A 130 26.09 28.33 -26.47
CA THR A 130 26.52 28.39 -25.05
C THR A 130 25.75 27.46 -24.11
N ARG A 131 24.43 27.54 -24.21
CA ARG A 131 23.53 26.81 -23.34
C ARG A 131 23.67 25.31 -23.60
N ARG A 132 23.74 24.95 -24.88
CA ARG A 132 23.89 23.56 -25.34
C ARG A 132 25.25 22.96 -24.91
N ASP A 133 26.36 23.70 -25.10
CA ASP A 133 27.67 23.20 -24.60
C ASP A 133 27.68 22.95 -23.09
N TYR A 134 27.07 23.85 -22.31
CA TYR A 134 27.10 23.70 -20.87
C TYR A 134 26.30 22.45 -20.43
N ILE A 135 25.13 22.27 -21.03
CA ILE A 135 24.21 21.27 -20.52
C ILE A 135 24.86 19.89 -20.90
N MET A 136 25.35 19.77 -22.12
CA MET A 136 26.12 18.60 -22.52
C MET A 136 27.23 18.25 -21.54
N ALA A 137 28.02 19.25 -21.16
CA ALA A 137 29.14 19.03 -20.25
C ALA A 137 28.61 18.67 -18.88
N LYS A 138 27.50 19.30 -18.49
CA LYS A 138 26.95 19.07 -17.18
C LYS A 138 26.36 17.62 -17.00
N TYR A 139 25.58 17.18 -17.98
CA TYR A 139 24.75 15.96 -17.84
C TYR A 139 25.28 14.73 -18.54
N VAL A 140 26.05 14.94 -19.61
CA VAL A 140 26.67 13.84 -20.35
C VAL A 140 28.12 13.62 -19.88
N GLU A 141 28.92 14.68 -19.90
CA GLU A 141 30.29 14.57 -19.38
C GLU A 141 30.39 14.48 -17.88
N HIS A 142 29.40 14.99 -17.15
CA HIS A 142 29.48 15.22 -15.71
C HIS A 142 30.76 16.02 -15.34
N ARG A 143 31.12 16.94 -16.24
CA ARG A 143 32.36 17.76 -16.13
C ARG A 143 32.44 18.53 -14.78
N PHE A 144 31.31 18.94 -14.24
CA PHE A 144 31.34 19.87 -13.11
C PHE A 144 31.03 19.23 -11.77
N ALA A 145 30.86 17.91 -11.74
CA ALA A 145 30.31 17.25 -10.55
C ALA A 145 31.39 16.98 -9.51
N ARG A 146 30.98 16.97 -8.24
CA ARG A 146 31.88 16.71 -7.15
C ARG A 146 32.55 15.38 -7.37
N ARG A 147 33.87 15.39 -7.31
CA ARG A 147 34.66 14.22 -7.60
C ARG A 147 34.68 13.33 -6.35
N CYS A 148 34.33 12.05 -6.50
CA CYS A 148 34.48 11.07 -5.41
C CYS A 148 35.04 9.77 -5.98
N THR A 149 36.11 9.26 -5.38
CA THR A 149 36.85 8.09 -5.93
C THR A 149 35.99 7.04 -6.65
N GLU A 151 33.79 3.22 -5.51
CA GLU A 151 33.97 2.96 -4.08
C GLU A 151 32.78 2.17 -3.45
N PRO A 152 32.73 0.84 -3.70
CA PRO A 152 31.65 -0.08 -3.26
C PRO A 152 31.03 0.11 -1.85
N GLN A 153 31.87 0.27 -0.83
CA GLN A 153 31.40 0.44 0.56
C GLN A 153 30.63 1.75 0.79
N ARG A 154 31.16 2.82 0.20
CA ARG A 154 30.52 4.11 0.10
C ARG A 154 29.05 3.96 -0.37
N LEU A 155 28.86 3.32 -1.52
CA LEU A 155 27.55 3.21 -2.16
C LEU A 155 26.62 2.26 -1.38
N TRP A 156 27.23 1.24 -0.79
CA TRP A 156 26.47 0.29 -0.01
C TRP A 156 25.86 1.07 1.17
N THR A 157 26.68 1.88 1.83
CA THR A 157 26.19 2.58 3.02
C THR A 157 25.16 3.64 2.63
N ALA A 158 25.38 4.33 1.53
CA ALA A 158 24.41 5.29 1.00
C ALA A 158 23.00 4.66 0.84
N ILE A 159 22.95 3.52 0.18
CA ILE A 159 21.68 2.86 -0.10
C ILE A 159 21.00 2.46 1.21
N CYS A 160 21.76 1.84 2.11
CA CYS A 160 21.19 1.49 3.42
C CYS A 160 20.78 2.72 4.21
N ASN A 161 21.49 3.85 4.02
CA ASN A 161 21.11 5.07 4.74
C ASN A 161 20.06 5.91 4.00
N ARG A 162 19.50 5.36 2.91
CA ARG A 162 18.50 6.08 2.08
C ARG A 162 19.04 7.46 1.67
N ASP A 163 20.33 7.51 1.29
CA ASP A 163 21.05 8.76 0.99
C ASP A 163 21.02 9.01 -0.52
N LEU A 164 20.01 9.72 -0.96
CA LEU A 164 19.75 9.92 -2.40
C LEU A 164 20.87 10.69 -3.09
N LEU A 165 21.35 11.73 -2.41
CA LEU A 165 22.42 12.56 -2.91
C LEU A 165 23.75 11.82 -3.09
N SER A 166 24.11 10.91 -2.18
CA SER A 166 25.35 10.10 -2.45
C SER A 166 25.15 9.14 -3.60
N VAL A 167 23.91 8.69 -3.82
CA VAL A 167 23.65 7.82 -5.00
C VAL A 167 23.85 8.62 -6.24
N LEU A 168 23.27 9.82 -6.25
CA LEU A 168 23.54 10.83 -7.29
C LEU A 168 25.05 11.12 -7.45
N GLU A 169 25.74 11.33 -6.35
CA GLU A 169 27.20 11.51 -6.46
C GLU A 169 27.92 10.33 -7.14
N ALA A 170 27.58 9.09 -6.76
CA ALA A 170 28.17 7.90 -7.37
C ALA A 170 27.87 7.87 -8.87
N PHE A 171 26.60 8.07 -9.22
CA PHE A 171 26.21 8.23 -10.65
C PHE A 171 27.06 9.32 -11.38
N ALA A 172 27.20 10.47 -10.74
CA ALA A 172 27.91 11.57 -11.34
C ALA A 172 29.44 11.29 -11.51
N ASN A 173 29.95 10.25 -10.86
CA ASN A 173 31.35 9.86 -11.03
C ASN A 173 31.53 8.63 -11.88
N GLY A 174 30.51 8.34 -12.72
CA GLY A 174 30.56 7.24 -13.67
C GLY A 174 30.38 5.86 -13.05
N GLN A 175 30.00 5.79 -11.79
CA GLN A 175 29.72 4.50 -11.16
C GLN A 175 28.86 3.63 -12.06
N ASP A 176 29.35 2.42 -12.33
CA ASP A 176 28.51 1.48 -13.01
C ASP A 176 27.64 0.70 -12.00
N PHE A 177 26.34 1.04 -11.96
CA PHE A 177 25.39 0.33 -11.11
C PHE A 177 25.29 -1.14 -11.59
N GLY A 178 26.08 -1.54 -12.57
CA GLY A 178 26.09 -2.93 -13.05
C GLY A 178 27.02 -3.87 -12.28
N GLN A 179 27.87 -3.32 -11.43
CA GLN A 179 28.88 -4.08 -10.75
C GLN A 179 28.41 -4.34 -9.31
N PRO A 180 28.51 -5.63 -8.84
CA PRO A 180 28.04 -6.05 -7.52
C PRO A 180 28.76 -5.31 -6.40
N LEU A 181 28.05 -5.04 -5.32
CA LEU A 181 28.65 -4.42 -4.16
C LEU A 181 28.87 -5.48 -3.08
N PRO A 182 30.04 -5.42 -2.42
CA PRO A 182 30.28 -6.25 -1.23
C PRO A 182 29.83 -5.47 0.02
N GLY A 183 29.16 -6.13 0.95
CA GLY A 183 28.65 -5.46 2.17
C GLY A 183 29.67 -5.11 3.24
N PRO A 184 29.19 -4.76 4.46
CA PRO A 184 30.05 -4.41 5.60
C PRO A 184 31.20 -5.40 5.73
N ASP A 185 30.86 -6.68 5.90
CA ASP A 185 31.83 -7.74 5.98
C ASP A 185 31.06 -9.02 5.77
N ALA A 186 30.54 -9.59 6.87
CA ALA A 186 29.57 -10.70 6.92
C ALA A 186 29.51 -11.61 5.66
N GLN A 187 29.59 -10.97 4.48
CA GLN A 187 30.05 -11.53 3.19
C GLN A 187 28.97 -12.12 2.28
N ALA A 188 29.43 -12.53 1.10
CA ALA A 188 28.85 -13.60 0.29
C ALA A 188 27.61 -13.17 -0.45
N PRO A 189 26.52 -12.86 0.26
CA PRO A 189 25.80 -11.82 -0.46
C PRO A 189 26.68 -10.57 -0.71
N GLU A 190 27.47 -10.62 -1.77
CA GLU A 190 27.67 -9.45 -2.61
C GLU A 190 26.24 -9.13 -3.14
N GLU A 191 25.90 -7.85 -3.32
CA GLU A 191 24.57 -7.48 -3.85
C GLU A 191 24.72 -6.55 -5.01
N LEU A 192 23.87 -6.74 -6.00
CA LEU A 192 23.78 -5.80 -7.10
C LEU A 192 23.09 -4.55 -6.52
N VAL A 193 23.46 -3.37 -7.02
CA VAL A 193 22.98 -2.13 -6.46
C VAL A 193 21.42 -2.05 -6.34
N LEU A 194 20.71 -2.29 -7.43
CA LEU A 194 19.26 -2.21 -7.45
C LEU A 194 18.68 -3.25 -6.55
N HIS A 195 19.33 -4.41 -6.45
CA HIS A 195 18.80 -5.49 -5.62
C HIS A 195 18.79 -5.05 -4.15
N LEU A 196 19.90 -4.48 -3.72
CA LEU A 196 20.07 -4.01 -2.35
C LEU A 196 19.03 -2.93 -2.08
N ALA A 197 18.92 -1.99 -3.01
CA ALA A 197 17.99 -0.85 -2.84
C ALA A 197 16.53 -1.34 -2.69
N VAL A 198 16.15 -2.32 -3.49
CA VAL A 198 14.84 -2.93 -3.38
C VAL A 198 14.66 -3.70 -2.06
N LYS A 199 15.63 -4.55 -1.74
CA LYS A 199 15.57 -5.30 -0.52
C LYS A 199 15.35 -4.43 0.74
N VAL A 200 16.09 -3.33 0.89
CA VAL A 200 16.02 -2.49 2.08
C VAL A 200 15.02 -1.35 1.99
N ALA A 201 14.21 -1.33 0.92
CA ALA A 201 13.38 -0.18 0.67
C ALA A 201 12.30 -0.02 1.78
N ASN A 202 11.89 1.23 1.96
CA ASN A 202 10.71 1.66 2.70
C ASN A 202 10.15 2.88 1.95
N GLN A 203 9.02 3.43 2.42
CA GLN A 203 8.35 4.52 1.73
C GLN A 203 9.27 5.72 1.56
N ALA A 204 10.21 5.91 2.50
CA ALA A 204 11.09 7.09 2.40
C ALA A 204 12.18 6.87 1.32
N SER A 205 12.55 5.62 1.07
CA SER A 205 13.66 5.34 0.16
C SER A 205 13.28 5.05 -1.33
N LEU A 206 11.99 4.98 -1.63
CA LEU A 206 11.49 4.82 -3.01
C LEU A 206 12.13 5.71 -4.10
N PRO A 207 12.39 7.02 -3.79
CA PRO A 207 13.12 7.83 -4.76
C PRO A 207 14.51 7.24 -5.12
N LEU A 208 15.23 6.63 -4.18
CA LEU A 208 16.50 5.98 -4.52
C LEU A 208 16.31 4.85 -5.50
N VAL A 209 15.27 4.07 -5.28
CA VAL A 209 14.96 2.93 -6.16
C VAL A 209 14.64 3.45 -7.55
N ASP A 210 13.76 4.45 -7.62
CA ASP A 210 13.34 5.06 -8.90
C ASP A 210 14.54 5.68 -9.63
N PHE A 211 15.40 6.40 -8.91
CA PHE A 211 16.61 6.96 -9.51
C PHE A 211 17.49 5.89 -10.20
N ILE A 212 17.67 4.76 -9.52
CA ILE A 212 18.55 3.69 -10.02
C ILE A 212 17.89 2.95 -11.16
N ILE A 213 16.57 2.72 -11.04
CA ILE A 213 15.83 2.13 -12.17
C ILE A 213 15.92 2.96 -13.47
N GLN A 214 15.76 4.27 -13.34
CA GLN A 214 15.68 5.16 -14.52
C GLN A 214 17.09 5.48 -15.04
N ASN A 215 18.08 5.44 -14.17
CA ASN A 215 19.40 5.96 -14.62
C ASN A 215 20.56 4.97 -14.54
N GLY A 216 20.37 3.83 -13.89
CA GLY A 216 21.45 2.80 -13.83
C GLY A 216 21.46 2.03 -15.13
N GLY A 217 22.54 1.40 -15.50
CA GLY A 217 22.38 0.70 -16.84
C GLY A 217 21.67 -0.66 -16.82
N HIS A 218 21.29 -1.14 -15.62
CA HIS A 218 21.19 -2.63 -15.38
C HIS A 218 19.92 -3.22 -14.75
N LEU A 219 18.76 -2.76 -15.20
CA LEU A 219 17.48 -3.26 -14.72
C LEU A 219 17.30 -4.81 -14.75
N ASP A 220 17.87 -5.48 -15.77
CA ASP A 220 17.66 -6.91 -16.02
C ASP A 220 18.70 -7.82 -15.32
N ALA A 221 19.65 -7.22 -14.62
CA ALA A 221 20.70 -7.96 -13.98
C ALA A 221 20.20 -9.09 -13.07
N LYS A 222 20.93 -10.18 -13.08
CA LYS A 222 20.55 -11.32 -12.29
C LYS A 222 21.28 -11.59 -10.99
N ALA A 223 22.57 -11.71 -10.92
CA ALA A 223 22.87 -12.29 -9.49
C ALA A 223 22.83 -13.79 -9.54
N ALA A 224 23.61 -14.42 -8.67
CA ALA A 224 24.10 -15.75 -8.91
C ALA A 224 22.94 -16.74 -8.89
N ASP A 225 21.97 -16.52 -8.00
CA ASP A 225 20.84 -17.43 -7.93
C ASP A 225 19.78 -17.16 -9.02
N GLY A 226 20.03 -16.22 -9.93
CA GLY A 226 19.10 -15.97 -11.01
C GLY A 226 17.98 -14.94 -10.73
N ASN A 227 17.88 -14.47 -9.50
CA ASN A 227 16.87 -13.47 -9.12
C ASN A 227 17.15 -12.12 -9.72
N THR A 228 16.12 -11.54 -10.34
CA THR A 228 16.18 -10.16 -10.80
C THR A 228 15.64 -9.25 -9.68
N ALA A 229 15.73 -7.93 -9.85
CA ALA A 229 15.14 -6.98 -8.92
C ALA A 229 13.63 -7.21 -8.72
N LEU A 230 12.95 -7.62 -9.78
CA LEU A 230 11.53 -8.03 -9.68
C LEU A 230 11.30 -9.21 -8.76
N HIS A 231 12.15 -10.22 -8.89
CA HIS A 231 12.11 -11.34 -7.96
C HIS A 231 12.31 -10.86 -6.53
N TYR A 232 13.28 -9.98 -6.32
CA TYR A 232 13.54 -9.43 -5.00
C TYR A 232 12.38 -8.59 -4.45
N ALA A 233 11.71 -7.83 -5.32
CA ALA A 233 10.56 -7.05 -4.86
C ALA A 233 9.44 -7.98 -4.38
N ALA A 234 9.18 -9.05 -5.10
CA ALA A 234 8.26 -10.12 -4.61
C ALA A 234 8.77 -10.78 -3.32
N LEU A 235 10.07 -11.05 -3.25
CA LEU A 235 10.63 -11.76 -2.09
C LEU A 235 10.51 -10.96 -0.83
N TYR A 236 10.87 -9.67 -0.92
CA TYR A 236 10.89 -8.80 0.23
C TYR A 236 9.60 -8.02 0.46
N ASN A 237 8.54 -8.37 -0.28
CA ASN A 237 7.23 -7.71 -0.18
C ASN A 237 7.33 -6.21 -0.35
N GLN A 238 7.72 -5.81 -1.56
CA GLN A 238 7.95 -4.42 -1.85
C GLN A 238 7.03 -4.09 -3.03
N PRO A 239 5.71 -3.93 -2.76
CA PRO A 239 4.85 -3.71 -3.92
C PRO A 239 5.05 -2.35 -4.63
N ASP A 240 5.48 -1.30 -3.92
CA ASP A 240 5.82 -0.03 -4.57
C ASP A 240 7.06 -0.12 -5.47
N CYS A 241 8.09 -0.85 -5.02
CA CYS A 241 9.26 -1.08 -5.88
C CYS A 241 8.85 -1.86 -7.13
N LEU A 242 7.91 -2.77 -6.97
CA LEU A 242 7.38 -3.54 -8.07
C LEU A 242 6.71 -2.65 -9.14
N LYS A 243 5.86 -1.70 -8.75
CA LYS A 243 5.27 -0.76 -9.70
C LYS A 243 6.33 0.06 -10.44
N LEU A 244 7.34 0.53 -9.71
CA LEU A 244 8.41 1.26 -10.29
C LEU A 244 9.20 0.44 -11.30
N LEU A 245 9.46 -0.83 -10.95
CA LEU A 245 10.19 -1.75 -11.83
C LEU A 245 9.40 -2.00 -13.06
N LEU A 246 8.09 -2.25 -12.90
CA LEU A 246 7.18 -2.48 -14.04
C LEU A 246 7.02 -1.22 -14.91
N LYS A 247 6.79 -0.08 -14.28
CA LYS A 247 6.82 1.21 -15.03
C LYS A 247 8.09 1.31 -15.87
N GLY A 248 9.22 0.92 -15.24
CA GLY A 248 10.52 0.89 -15.91
C GLY A 248 10.68 -0.19 -16.97
N ARG A 249 9.64 -0.96 -17.24
CA ARG A 249 9.67 -2.06 -18.19
C ARG A 249 10.56 -3.28 -17.82
N ALA A 250 10.70 -3.55 -16.50
CA ALA A 250 11.34 -4.81 -16.03
C ALA A 250 10.72 -5.96 -16.77
N LEU A 251 11.53 -6.97 -17.05
CA LEU A 251 11.08 -8.17 -17.70
C LEU A 251 10.20 -8.97 -16.75
N VAL A 252 9.06 -9.41 -17.27
CA VAL A 252 8.02 -10.02 -16.50
C VAL A 252 8.06 -11.52 -16.82
N GLY A 253 7.87 -12.37 -15.82
CA GLY A 253 7.72 -13.78 -16.15
C GLY A 253 9.01 -14.58 -16.45
N THR A 254 10.15 -14.02 -16.07
CA THR A 254 11.40 -14.73 -16.22
C THR A 254 11.62 -15.54 -14.92
N VAL A 255 12.33 -16.66 -15.08
CA VAL A 255 12.61 -17.59 -13.95
C VAL A 255 14.01 -17.35 -13.40
N ASN A 256 14.21 -17.53 -12.10
CA ASN A 256 15.52 -17.62 -11.49
C ASN A 256 16.04 -19.06 -11.63
N GLU A 257 17.14 -19.39 -10.97
CA GLU A 257 17.81 -20.70 -11.12
C GLU A 257 17.01 -21.83 -10.47
N ALA A 258 16.08 -21.50 -9.57
CA ALA A 258 15.15 -22.46 -8.99
C ALA A 258 13.95 -22.67 -9.89
N GLY A 259 13.89 -21.94 -11.01
CA GLY A 259 12.75 -22.05 -11.92
C GLY A 259 11.54 -21.24 -11.45
N GLU A 260 11.72 -20.30 -10.51
CA GLU A 260 10.57 -19.51 -9.99
C GLU A 260 10.49 -18.16 -10.72
N THR A 261 9.29 -17.72 -11.09
CA THR A 261 9.06 -16.32 -11.49
C THR A 261 8.84 -15.44 -10.23
N ALA A 262 8.89 -14.10 -10.41
CA ALA A 262 8.55 -13.22 -9.27
C ALA A 262 7.17 -13.57 -8.70
N LEU A 263 6.24 -13.90 -9.60
CA LEU A 263 4.86 -14.25 -9.26
C LEU A 263 4.81 -15.51 -8.39
N ASP A 264 5.51 -16.58 -8.82
CA ASP A 264 5.75 -17.75 -7.93
C ASP A 264 6.18 -17.39 -6.53
N ILE A 265 7.17 -16.51 -6.40
CA ILE A 265 7.72 -16.13 -5.11
C ILE A 265 6.67 -15.35 -4.24
N ALA A 266 5.95 -14.40 -4.87
CA ALA A 266 4.88 -13.65 -4.18
C ALA A 266 3.81 -14.59 -3.64
N ARG A 267 3.37 -15.55 -4.46
CA ARG A 267 2.44 -16.60 -4.02
C ARG A 267 2.95 -17.49 -2.86
N LYS A 268 4.19 -17.98 -2.94
CA LYS A 268 4.83 -18.71 -1.82
C LYS A 268 4.84 -17.94 -0.49
N LYS A 269 5.15 -16.65 -0.57
CA LYS A 269 5.30 -15.84 0.63
C LYS A 269 3.94 -15.26 1.14
N HIS A 270 2.88 -15.46 0.35
CA HIS A 270 1.55 -14.84 0.55
C HIS A 270 1.60 -13.30 0.57
N HIS A 271 2.30 -12.71 -0.40
CA HIS A 271 2.39 -11.30 -0.52
C HIS A 271 1.30 -10.92 -1.49
N LYS A 272 0.09 -10.68 -0.98
CA LYS A 272 -1.08 -10.53 -1.86
C LYS A 272 -0.98 -9.36 -2.86
N GLU A 273 -0.59 -8.19 -2.38
CA GLU A 273 -0.46 -7.05 -3.28
C GLU A 273 0.60 -7.32 -4.41
N CYS A 274 1.70 -7.93 -4.04
CA CYS A 274 2.70 -8.33 -5.05
C CYS A 274 2.11 -9.32 -6.08
N GLU A 275 1.38 -10.32 -5.61
CA GLU A 275 0.78 -11.33 -6.51
C GLU A 275 -0.17 -10.68 -7.51
N GLU A 276 -1.04 -9.80 -7.03
CA GLU A 276 -1.99 -9.12 -7.90
C GLU A 276 -1.27 -8.25 -8.93
N LEU A 277 -0.26 -7.49 -8.50
CA LEU A 277 0.48 -6.62 -9.45
C LEU A 277 1.14 -7.46 -10.55
N LEU A 278 1.64 -8.64 -10.17
CA LEU A 278 2.38 -9.51 -11.10
C LEU A 278 1.43 -10.31 -12.00
N GLU A 279 0.23 -10.64 -11.49
CA GLU A 279 -0.80 -11.23 -12.34
C GLU A 279 -1.25 -10.31 -13.41
N GLN A 280 -1.42 -9.05 -13.04
CA GLN A 280 -1.72 -7.97 -13.99
C GLN A 280 -0.61 -7.76 -15.02
N ALA A 281 0.63 -7.72 -14.56
CA ALA A 281 1.79 -7.63 -15.48
C ALA A 281 1.84 -8.80 -16.50
N GLN A 282 1.76 -10.04 -16.02
CA GLN A 282 1.73 -11.22 -16.91
C GLN A 282 0.60 -11.16 -17.96
N ALA A 283 -0.60 -10.81 -17.51
CA ALA A 283 -1.74 -10.58 -18.40
C ALA A 283 -1.44 -9.46 -19.41
N GLY A 284 -0.77 -8.40 -18.97
CA GLY A 284 -0.33 -7.33 -19.87
C GLY A 284 0.53 -7.75 -21.05
N THR A 285 1.40 -8.75 -20.87
CA THR A 285 2.20 -9.36 -21.95
C THR A 285 1.38 -9.76 -23.21
N PHE A 286 0.11 -10.11 -23.00
CA PHE A 286 -0.79 -10.61 -24.06
C PHE A 286 -1.91 -9.64 -24.43
N ALA A 287 -2.01 -8.53 -23.74
CA ALA A 287 -2.71 -7.37 -24.28
C ALA A 287 -1.59 -6.50 -24.88
N PHE A 288 -1.84 -5.43 -25.64
CA PHE A 288 -2.88 -5.20 -26.60
C PHE A 288 -2.17 -5.68 -27.89
N PRO A 289 -2.63 -6.80 -28.48
CA PRO A 289 -1.80 -7.45 -29.54
C PRO A 289 -1.78 -6.68 -30.89
N LEU A 290 -0.68 -6.75 -31.63
CA LEU A 290 -0.57 -6.10 -32.95
C LEU A 290 -1.42 -6.83 -33.98
N HIS A 291 -1.83 -6.15 -35.07
CA HIS A 291 -2.62 -6.81 -36.16
C HIS A 291 -1.86 -7.81 -37.05
N LEU B 28 -0.50 -19.56 -30.19
CA LEU B 28 0.19 -18.76 -31.23
C LEU B 28 1.68 -18.52 -30.92
N THR B 29 1.98 -18.24 -29.64
CA THR B 29 3.35 -17.95 -29.20
C THR B 29 4.22 -19.17 -29.41
N LYS B 30 3.68 -20.35 -29.07
CA LYS B 30 4.34 -21.63 -29.39
C LYS B 30 4.63 -21.79 -30.91
N LEU B 31 3.66 -21.47 -31.75
CA LEU B 31 3.83 -21.49 -33.22
C LEU B 31 4.93 -20.51 -33.67
N LEU B 32 4.96 -19.32 -33.07
CA LEU B 32 5.94 -18.28 -33.40
C LEU B 32 7.34 -18.64 -32.91
N ILE B 33 7.44 -19.16 -31.70
CA ILE B 33 8.75 -19.58 -31.19
C ILE B 33 9.37 -20.62 -32.11
N ALA B 34 8.55 -21.56 -32.57
CA ALA B 34 9.02 -22.63 -33.49
C ALA B 34 9.52 -21.98 -34.78
N GLU B 35 8.74 -21.03 -35.28
CA GLU B 35 9.15 -20.23 -36.45
C GLU B 35 10.48 -19.50 -36.24
N VAL B 36 10.61 -18.75 -35.16
CA VAL B 36 11.89 -18.07 -34.84
C VAL B 36 13.09 -19.05 -34.96
N LYS B 37 12.98 -20.19 -34.31
CA LYS B 37 14.07 -21.13 -34.29
C LYS B 37 14.44 -21.70 -35.69
N SER B 38 13.51 -21.65 -36.64
CA SER B 38 13.79 -22.01 -38.03
C SER B 38 14.42 -20.89 -38.89
N ARG B 39 14.44 -19.62 -38.45
CA ARG B 39 15.06 -18.52 -39.25
C ARG B 39 16.50 -18.87 -39.58
N PRO B 40 16.99 -18.34 -40.72
CA PRO B 40 18.35 -18.57 -41.23
C PRO B 40 19.39 -18.19 -40.18
N GLY B 41 20.27 -19.16 -39.94
CA GLY B 41 21.29 -18.99 -38.97
C GLY B 41 20.85 -19.26 -37.56
N ASN B 42 19.56 -19.49 -37.31
CA ASN B 42 19.08 -19.56 -35.92
C ASN B 42 19.31 -20.88 -35.20
N SER B 43 19.92 -21.87 -35.87
CA SER B 43 20.27 -23.10 -35.17
C SER B 43 21.67 -23.03 -34.62
N GLN B 44 22.32 -21.87 -34.72
CA GLN B 44 23.62 -21.66 -34.11
C GLN B 44 23.69 -20.30 -33.40
N CYS B 45 24.18 -20.29 -32.15
CA CYS B 45 24.45 -19.04 -31.43
C CYS B 45 25.02 -17.92 -32.33
N CYS B 46 24.35 -16.78 -32.28
CA CYS B 46 24.72 -15.60 -33.08
C CYS B 46 26.21 -15.25 -32.87
N ASP B 47 26.68 -15.40 -31.65
CA ASP B 47 28.05 -15.01 -31.27
C ASP B 47 29.15 -16.09 -31.19
N CYS B 48 28.79 -17.37 -31.02
CA CYS B 48 29.83 -18.44 -30.91
C CYS B 48 29.54 -19.69 -31.75
N GLY B 49 28.42 -19.72 -32.45
CA GLY B 49 27.98 -20.89 -33.21
C GLY B 49 27.55 -22.14 -32.45
N ALA B 50 27.49 -22.12 -31.12
CA ALA B 50 26.91 -23.24 -30.37
C ALA B 50 25.53 -23.70 -30.92
N ALA B 51 25.33 -25.02 -31.06
CA ALA B 51 24.03 -25.52 -31.58
C ALA B 51 22.78 -25.09 -30.80
N ASP B 52 21.72 -24.81 -31.54
CA ASP B 52 20.38 -24.67 -30.94
C ASP B 52 20.32 -23.67 -29.79
N PRO B 53 20.61 -22.40 -30.09
CA PRO B 53 20.50 -21.29 -29.13
C PRO B 53 19.04 -21.17 -28.72
N THR B 54 18.79 -20.99 -27.42
CA THR B 54 17.43 -20.79 -26.95
C THR B 54 17.22 -19.41 -26.26
N TRP B 55 18.24 -18.54 -26.31
CA TRP B 55 18.22 -17.24 -25.61
C TRP B 55 18.05 -16.10 -26.62
N LEU B 56 16.96 -15.35 -26.48
CA LEU B 56 16.63 -14.31 -27.43
C LEU B 56 16.97 -12.94 -26.87
N SER B 57 17.72 -12.16 -27.63
CA SER B 57 17.86 -10.71 -27.45
C SER B 57 16.66 -10.04 -28.14
N THR B 58 15.70 -9.59 -27.35
CA THR B 58 14.42 -9.25 -27.94
C THR B 58 14.50 -7.95 -28.75
N ASN B 59 15.43 -7.04 -28.38
CA ASN B 59 15.51 -5.72 -29.00
C ASN B 59 16.35 -5.82 -30.27
N LEU B 60 17.05 -6.95 -30.44
CA LEU B 60 17.97 -7.12 -31.59
C LEU B 60 17.47 -8.21 -32.52
N GLY B 61 16.74 -9.18 -32.00
CA GLY B 61 16.11 -10.21 -32.81
C GLY B 61 17.07 -11.37 -33.17
N VAL B 62 18.00 -11.67 -32.27
CA VAL B 62 19.00 -12.73 -32.48
C VAL B 62 18.93 -13.79 -31.39
N LEU B 63 19.49 -14.98 -31.66
CA LEU B 63 19.43 -16.07 -30.66
C LEU B 63 20.81 -16.46 -30.20
N THR B 64 21.02 -16.56 -28.88
CA THR B 64 22.33 -16.97 -28.36
C THR B 64 22.28 -18.23 -27.41
N CYS B 65 23.44 -18.86 -27.19
CA CYS B 65 23.57 -19.97 -26.26
C CYS B 65 23.53 -19.36 -24.82
N ILE B 66 23.48 -20.22 -23.78
CA ILE B 66 23.42 -19.71 -22.40
C ILE B 66 24.64 -18.91 -21.98
N GLN B 67 25.83 -19.33 -22.42
CA GLN B 67 27.01 -18.59 -22.07
C GLN B 67 27.02 -17.20 -22.67
N CYS B 68 26.77 -17.09 -23.96
CA CYS B 68 26.72 -15.73 -24.61
C CYS B 68 25.63 -14.82 -24.05
N SER B 69 24.48 -15.40 -23.69
CA SER B 69 23.32 -14.68 -23.15
C SER B 69 23.65 -13.96 -21.87
N GLY B 70 24.30 -14.69 -20.96
CA GLY B 70 24.88 -14.08 -19.75
C GLY B 70 25.71 -12.83 -20.05
N VAL B 71 26.51 -12.88 -21.11
CA VAL B 71 27.35 -11.71 -21.49
C VAL B 71 26.49 -10.52 -21.98
N HIS B 72 25.56 -10.80 -22.89
CA HIS B 72 24.51 -9.85 -23.31
C HIS B 72 23.84 -9.17 -22.14
N ARG B 73 23.37 -9.97 -21.18
CA ARG B 73 22.73 -9.45 -19.96
C ARG B 73 23.60 -8.42 -19.23
N GLU B 74 24.89 -8.75 -19.13
CA GLU B 74 25.83 -7.89 -18.44
C GLU B 74 26.19 -6.56 -19.17
N LEU B 75 25.91 -6.49 -20.46
CA LEU B 75 25.97 -5.20 -21.18
C LEU B 75 24.97 -4.17 -20.63
N GLY B 76 23.79 -4.62 -20.21
CA GLY B 76 22.78 -3.71 -19.66
C GLY B 76 21.71 -3.46 -20.67
N VAL B 77 20.56 -2.96 -20.19
CA VAL B 77 19.31 -2.90 -20.97
C VAL B 77 19.34 -2.08 -22.25
N ARG B 78 20.24 -1.10 -22.29
CA ARG B 78 20.47 -0.28 -23.50
C ARG B 78 20.89 -1.14 -24.72
N PHE B 79 21.69 -2.17 -24.45
CA PHE B 79 22.33 -2.93 -25.54
C PHE B 79 21.57 -4.22 -25.87
N SER B 80 21.06 -4.91 -24.85
CA SER B 80 20.52 -6.27 -25.06
C SER B 80 19.65 -6.65 -23.90
N ARG B 81 18.47 -7.19 -24.21
CA ARG B 81 17.53 -7.64 -23.19
C ARG B 81 17.23 -9.12 -23.49
N MET B 82 17.72 -9.99 -22.61
CA MET B 82 17.76 -11.43 -22.85
C MET B 82 16.56 -12.13 -22.21
N GLN B 83 15.80 -12.85 -23.01
CA GLN B 83 14.79 -13.80 -22.49
C GLN B 83 14.88 -15.22 -23.10
N SER B 84 14.78 -16.27 -22.27
CA SER B 84 14.83 -17.65 -22.79
C SER B 84 13.54 -18.04 -23.50
N LEU B 85 13.65 -18.45 -24.75
CA LEU B 85 12.54 -19.01 -25.49
C LEU B 85 11.82 -20.19 -24.77
N THR B 86 12.59 -20.94 -24.03
CA THR B 86 12.18 -22.18 -23.38
C THR B 86 11.55 -21.87 -22.01
N LEU B 87 12.21 -21.00 -21.25
CA LEU B 87 11.95 -20.86 -19.82
C LEU B 87 11.12 -19.64 -19.41
N ASP B 88 11.16 -18.58 -20.20
CA ASP B 88 10.63 -17.26 -19.81
C ASP B 88 9.31 -16.98 -20.49
N LEU B 89 8.46 -16.15 -19.84
CA LEU B 89 7.15 -15.78 -20.42
C LEU B 89 7.32 -14.85 -21.63
N LEU B 90 6.86 -15.25 -22.80
CA LEU B 90 6.97 -14.43 -24.00
C LEU B 90 5.60 -14.38 -24.71
N GLY B 91 5.29 -13.29 -25.41
CA GLY B 91 4.10 -13.20 -26.25
C GLY B 91 4.55 -12.79 -27.63
N PRO B 92 3.62 -12.68 -28.58
CA PRO B 92 3.97 -12.38 -29.97
C PRO B 92 4.75 -11.06 -30.16
N SER B 93 4.47 -10.05 -29.33
CA SER B 93 5.17 -8.76 -29.40
C SER B 93 6.68 -8.84 -29.22
N GLU B 94 7.13 -9.59 -28.20
CA GLU B 94 8.55 -9.90 -27.99
C GLU B 94 9.22 -10.62 -29.16
N LEU B 95 8.40 -11.18 -30.04
CA LEU B 95 8.92 -12.02 -31.10
C LEU B 95 8.97 -11.27 -32.42
N LEU B 96 8.37 -10.08 -32.48
CA LEU B 96 8.30 -9.33 -33.74
C LEU B 96 9.68 -9.17 -34.39
N LEU B 97 10.67 -8.71 -33.63
CA LEU B 97 11.95 -8.51 -34.28
C LEU B 97 12.60 -9.83 -34.64
N ALA B 98 12.49 -10.80 -33.73
CA ALA B 98 13.13 -12.14 -33.90
C ALA B 98 12.60 -12.83 -35.16
N LEU B 99 11.29 -12.71 -35.41
CA LEU B 99 10.67 -13.21 -36.63
C LEU B 99 11.14 -12.56 -37.94
N ASN B 100 11.73 -11.36 -37.83
CA ASN B 100 12.14 -10.60 -39.02
C ASN B 100 13.63 -10.28 -39.09
N MET B 101 14.39 -10.73 -38.10
CA MET B 101 15.84 -10.58 -38.08
C MET B 101 16.50 -11.98 -38.26
N GLY B 102 16.97 -12.59 -37.18
CA GLY B 102 17.59 -13.91 -37.27
C GLY B 102 19.08 -13.65 -37.30
N ASN B 103 19.81 -14.68 -36.92
CA ASN B 103 21.25 -14.62 -36.84
C ASN B 103 22.00 -14.30 -38.12
N THR B 104 21.65 -14.93 -39.23
CA THR B 104 22.39 -14.74 -40.49
C THR B 104 22.25 -13.28 -41.00
N SER B 105 21.01 -12.79 -41.08
CA SER B 105 20.73 -11.37 -41.37
C SER B 105 21.53 -10.40 -40.47
N PHE B 106 21.37 -10.56 -39.18
CA PHE B 106 22.05 -9.68 -38.21
C PHE B 106 23.58 -9.74 -38.42
N ASN B 107 24.14 -10.93 -38.53
CA ASN B 107 25.59 -11.09 -38.69
C ASN B 107 26.17 -10.58 -40.03
N GLU B 108 25.33 -10.62 -41.06
CA GLU B 108 25.66 -10.14 -42.40
C GLU B 108 26.15 -8.68 -42.28
N VAL B 109 25.48 -7.89 -41.42
CA VAL B 109 25.86 -6.48 -41.14
C VAL B 109 26.88 -6.36 -40.02
N MET B 110 26.61 -7.05 -38.90
CA MET B 110 27.32 -6.85 -37.64
C MET B 110 28.68 -7.59 -37.51
N GLU B 111 28.91 -8.57 -38.39
CA GLU B 111 30.20 -9.26 -38.41
C GLU B 111 30.76 -9.20 -39.82
N ALA B 112 30.43 -8.14 -40.57
CA ALA B 112 30.81 -8.08 -41.99
C ALA B 112 32.34 -7.93 -42.11
N GLN B 113 33.02 -7.37 -41.09
CA GLN B 113 34.51 -7.24 -41.13
C GLN B 113 35.28 -8.52 -40.75
N LEU B 114 34.54 -9.56 -40.38
CA LEU B 114 35.19 -10.74 -39.79
C LEU B 114 35.70 -11.59 -40.99
N PRO B 115 36.93 -12.15 -40.87
CA PRO B 115 37.50 -13.06 -41.84
C PRO B 115 36.76 -14.42 -41.80
N SER B 116 36.81 -15.17 -42.93
CA SER B 116 36.19 -16.49 -43.06
C SER B 116 36.53 -17.43 -41.95
N HIS B 117 37.74 -17.33 -41.40
CA HIS B 117 38.16 -18.24 -40.37
C HIS B 117 37.66 -17.79 -38.98
N GLY B 118 36.90 -16.70 -38.93
CA GLY B 118 36.30 -16.29 -37.67
C GLY B 118 37.06 -15.23 -36.90
N GLY B 119 38.38 -15.21 -37.03
CA GLY B 119 39.20 -14.25 -36.27
C GLY B 119 38.93 -14.39 -34.79
N PRO B 120 38.53 -13.28 -34.11
CA PRO B 120 38.31 -13.32 -32.68
C PRO B 120 36.96 -13.92 -32.27
N LYS B 121 36.09 -14.32 -33.21
CA LYS B 121 34.79 -14.86 -32.81
C LYS B 121 35.05 -16.14 -31.98
N PRO B 122 34.44 -16.24 -30.76
CA PRO B 122 34.58 -17.44 -29.93
C PRO B 122 33.90 -18.66 -30.52
N SER B 123 34.17 -19.81 -29.96
CA SER B 123 33.44 -21.04 -30.28
C SER B 123 32.72 -21.49 -29.02
N ALA B 124 31.91 -22.55 -29.15
CA ALA B 124 31.11 -23.05 -28.05
C ALA B 124 31.91 -23.35 -26.77
N GLU B 125 33.18 -23.73 -26.92
CA GLU B 125 33.99 -24.13 -25.77
C GLU B 125 34.94 -23.03 -25.30
N SER B 126 34.84 -21.84 -25.89
CA SER B 126 35.70 -20.70 -25.52
C SER B 126 35.62 -20.30 -24.04
N ASP B 127 36.75 -19.85 -23.51
CA ASP B 127 36.80 -19.30 -22.16
C ASP B 127 35.97 -17.98 -22.09
N MET B 128 35.46 -17.68 -20.90
CA MET B 128 34.59 -16.52 -20.67
C MET B 128 35.25 -15.15 -21.03
N GLY B 129 36.57 -15.04 -20.83
CA GLY B 129 37.31 -13.80 -21.11
C GLY B 129 37.25 -13.45 -22.58
N THR B 130 37.55 -14.45 -23.42
CA THR B 130 37.46 -14.31 -24.87
C THR B 130 36.01 -14.03 -25.31
N ARG B 131 35.07 -14.74 -24.72
CA ARG B 131 33.68 -14.60 -25.07
C ARG B 131 33.19 -13.18 -24.71
N ARG B 132 33.57 -12.71 -23.51
CA ARG B 132 33.23 -11.33 -23.06
C ARG B 132 33.79 -10.24 -23.98
N ASP B 133 35.08 -10.36 -24.28
CA ASP B 133 35.80 -9.37 -25.05
C ASP B 133 35.18 -9.28 -26.41
N TYR B 134 34.87 -10.42 -27.02
CA TYR B 134 34.23 -10.42 -28.33
C TYR B 134 32.81 -9.75 -28.35
N ILE B 135 31.93 -10.21 -27.47
CA ILE B 135 30.58 -9.66 -27.40
C ILE B 135 30.57 -8.17 -27.12
N MET B 136 31.45 -7.69 -26.23
CA MET B 136 31.57 -6.26 -25.97
C MET B 136 31.99 -5.50 -27.25
N ALA B 137 33.05 -6.01 -27.91
CA ALA B 137 33.48 -5.46 -29.23
C ALA B 137 32.39 -5.45 -30.32
N LYS B 138 31.66 -6.56 -30.41
CA LYS B 138 30.62 -6.71 -31.42
C LYS B 138 29.40 -5.77 -31.17
N TYR B 139 28.92 -5.71 -29.92
CA TYR B 139 27.67 -4.96 -29.62
C TYR B 139 27.80 -3.53 -29.04
N VAL B 140 28.90 -3.26 -28.37
CA VAL B 140 29.15 -1.94 -27.79
C VAL B 140 30.00 -1.10 -28.76
N GLU B 141 31.16 -1.61 -29.15
CA GLU B 141 32.03 -0.84 -30.03
C GLU B 141 31.64 -1.00 -31.51
N HIS B 142 30.79 -1.99 -31.83
CA HIS B 142 30.49 -2.34 -33.22
C HIS B 142 31.75 -2.52 -34.07
N ARG B 143 32.73 -3.23 -33.53
CA ARG B 143 34.02 -3.37 -34.16
C ARG B 143 33.99 -4.12 -35.49
N PHE B 144 33.04 -5.05 -35.64
CA PHE B 144 33.05 -5.99 -36.76
C PHE B 144 32.02 -5.63 -37.82
N ALA B 145 31.26 -4.55 -37.58
CA ALA B 145 30.12 -4.17 -38.44
C ALA B 145 30.58 -3.51 -39.76
N ARG B 146 29.82 -3.74 -40.83
CA ARG B 146 30.02 -2.99 -42.06
C ARG B 146 30.00 -1.47 -41.80
N ARG B 147 31.06 -0.81 -42.32
CA ARG B 147 31.20 0.66 -42.26
C ARG B 147 30.41 1.30 -43.39
N CYS B 148 29.75 2.42 -43.11
CA CYS B 148 29.03 3.05 -44.17
C CYS B 148 29.17 4.56 -44.42
N THR B 149 29.17 5.35 -43.35
CA THR B 149 29.02 6.83 -43.47
C THR B 149 27.63 7.19 -43.98
N PRO B 152 22.04 9.41 -44.83
CA PRO B 152 21.18 10.56 -44.43
C PRO B 152 19.95 10.61 -45.34
N GLN B 153 20.18 10.93 -46.60
CA GLN B 153 19.31 10.45 -47.68
C GLN B 153 19.29 8.93 -47.78
N ARG B 154 20.39 8.25 -47.42
CA ARG B 154 20.46 6.78 -47.37
C ARG B 154 19.40 6.25 -46.40
N LEU B 155 19.38 6.84 -45.22
CA LEU B 155 18.48 6.41 -44.16
C LEU B 155 17.00 6.66 -44.49
N TRP B 156 16.68 7.81 -45.09
CA TRP B 156 15.30 8.13 -45.53
C TRP B 156 14.78 7.03 -46.48
N THR B 157 15.62 6.74 -47.48
CA THR B 157 15.37 5.72 -48.47
C THR B 157 15.19 4.35 -47.86
N ALA B 158 16.12 3.94 -46.99
CA ALA B 158 15.95 2.65 -46.25
C ALA B 158 14.59 2.59 -45.58
N ILE B 159 14.23 3.63 -44.84
CA ILE B 159 12.95 3.64 -44.13
C ILE B 159 11.78 3.52 -45.13
N CYS B 160 11.72 4.38 -46.12
CA CYS B 160 10.67 4.21 -47.13
C CYS B 160 10.72 2.84 -47.87
N ASN B 161 11.91 2.31 -48.10
CA ASN B 161 12.07 0.92 -48.63
C ASN B 161 11.69 -0.20 -47.65
N ARG B 162 11.46 0.12 -46.38
CA ARG B 162 11.19 -0.89 -45.34
C ARG B 162 12.39 -1.87 -45.16
N ASP B 163 13.61 -1.36 -45.31
CA ASP B 163 14.83 -2.15 -45.33
C ASP B 163 15.34 -2.12 -43.88
N LEU B 164 14.90 -3.12 -43.11
CA LEU B 164 15.32 -3.30 -41.74
C LEU B 164 16.84 -3.43 -41.65
N LEU B 165 17.47 -4.18 -42.56
CA LEU B 165 18.94 -4.33 -42.53
C LEU B 165 19.75 -3.05 -42.76
N SER B 166 19.29 -2.16 -43.65
CA SER B 166 19.88 -0.81 -43.79
C SER B 166 19.70 0.07 -42.55
N VAL B 167 18.56 -0.04 -41.87
CA VAL B 167 18.40 0.65 -40.59
C VAL B 167 19.42 0.04 -39.57
N LEU B 168 19.51 -1.27 -39.48
CA LEU B 168 20.54 -1.89 -38.64
C LEU B 168 21.93 -1.35 -38.96
N GLU B 169 22.25 -1.25 -40.26
CA GLU B 169 23.56 -0.74 -40.64
C GLU B 169 23.82 0.67 -40.15
N ALA B 170 22.81 1.54 -40.22
CA ALA B 170 22.99 2.90 -39.76
C ALA B 170 23.25 2.93 -38.27
N PHE B 171 22.48 2.15 -37.52
CA PHE B 171 22.71 1.98 -36.08
C PHE B 171 24.14 1.42 -35.78
N ALA B 172 24.60 0.49 -36.60
CA ALA B 172 25.92 -0.12 -36.43
C ALA B 172 27.04 0.87 -36.68
N ASN B 173 26.73 1.96 -37.40
CA ASN B 173 27.63 3.08 -37.61
C ASN B 173 27.42 4.22 -36.67
N GLY B 174 26.79 3.90 -35.53
CA GLY B 174 26.74 4.78 -34.39
C GLY B 174 25.84 5.92 -34.73
N GLN B 175 24.80 5.65 -35.49
CA GLN B 175 24.07 6.76 -36.05
C GLN B 175 23.12 7.46 -35.11
N ASP B 176 22.96 8.76 -35.34
CA ASP B 176 21.98 9.46 -34.57
C ASP B 176 20.64 9.25 -35.23
N PHE B 177 19.75 8.51 -34.54
CA PHE B 177 18.36 8.45 -34.96
C PHE B 177 17.81 9.72 -34.35
N GLY B 178 18.71 10.51 -33.77
CA GLY B 178 18.32 11.82 -33.27
C GLY B 178 18.44 12.93 -34.30
N GLN B 179 19.06 12.65 -35.45
CA GLN B 179 19.25 13.74 -36.42
C GLN B 179 18.20 13.78 -37.55
N PRO B 180 17.69 14.99 -37.89
CA PRO B 180 16.65 15.10 -38.94
C PRO B 180 17.08 14.55 -40.29
N LEU B 181 16.12 14.04 -41.06
CA LEU B 181 16.36 13.52 -42.41
C LEU B 181 15.66 14.31 -43.55
N PRO B 182 16.43 14.76 -44.57
CA PRO B 182 15.91 15.20 -45.90
C PRO B 182 15.44 14.08 -46.84
N GLY B 183 14.30 14.29 -47.49
CA GLY B 183 13.82 13.38 -48.54
C GLY B 183 14.16 13.87 -49.96
N GLU B 190 14.32 17.19 -42.27
CA GLU B 190 12.96 17.69 -42.18
C GLU B 190 11.98 16.69 -41.55
N GLU B 191 12.31 15.40 -41.60
CA GLU B 191 11.55 14.38 -40.89
C GLU B 191 12.49 13.63 -39.93
N LEU B 192 12.10 13.51 -38.66
CA LEU B 192 12.91 12.78 -37.66
C LEU B 192 12.78 11.27 -37.96
N VAL B 193 13.80 10.49 -37.62
CA VAL B 193 13.88 9.11 -38.09
C VAL B 193 12.67 8.28 -37.66
N LEU B 194 12.39 8.27 -36.37
CA LEU B 194 11.23 7.55 -35.83
C LEU B 194 9.88 8.07 -36.37
N HIS B 195 9.77 9.41 -36.46
CA HIS B 195 8.58 10.08 -37.05
C HIS B 195 8.38 9.59 -38.47
N LEU B 196 9.44 9.56 -39.27
CA LEU B 196 9.31 9.08 -40.63
C LEU B 196 8.85 7.61 -40.68
N ALA B 197 9.52 6.74 -39.92
CA ALA B 197 9.14 5.31 -39.86
C ALA B 197 7.64 5.13 -39.53
N VAL B 198 7.17 5.89 -38.53
CA VAL B 198 5.77 5.79 -38.06
C VAL B 198 4.82 6.28 -39.15
N LYS B 199 5.12 7.42 -39.75
CA LYS B 199 4.25 8.04 -40.75
C LYS B 199 3.94 7.09 -41.93
N VAL B 200 4.93 6.32 -42.32
CA VAL B 200 4.98 5.64 -43.60
C VAL B 200 4.76 4.14 -43.33
N ALA B 201 4.57 3.80 -42.06
CA ALA B 201 4.41 2.40 -41.63
C ALA B 201 3.25 1.62 -42.29
N ASN B 202 3.52 0.35 -42.58
CA ASN B 202 2.48 -0.60 -42.84
C ASN B 202 2.81 -1.83 -42.00
N GLN B 203 2.02 -2.88 -42.17
CA GLN B 203 2.20 -4.11 -41.36
C GLN B 203 3.57 -4.71 -41.52
N ALA B 204 4.02 -4.81 -42.76
CA ALA B 204 5.36 -5.30 -43.07
C ALA B 204 6.52 -4.51 -42.41
N SER B 205 6.36 -3.20 -42.19
CA SER B 205 7.47 -2.36 -41.70
C SER B 205 7.47 -2.19 -40.18
N LEU B 206 6.49 -2.77 -39.50
CA LEU B 206 6.46 -2.73 -38.04
C LEU B 206 7.81 -3.08 -37.29
N PRO B 207 8.60 -4.06 -37.79
CA PRO B 207 9.90 -4.38 -37.22
C PRO B 207 10.87 -3.24 -37.22
N LEU B 208 10.87 -2.46 -38.30
CA LEU B 208 11.69 -1.30 -38.44
C LEU B 208 11.30 -0.28 -37.37
N VAL B 209 10.01 -0.03 -37.24
CA VAL B 209 9.52 0.83 -36.16
C VAL B 209 9.96 0.30 -34.78
N ASP B 210 9.71 -0.97 -34.48
CA ASP B 210 10.09 -1.55 -33.19
C ASP B 210 11.62 -1.43 -32.93
N PHE B 211 12.41 -1.58 -33.98
CA PHE B 211 13.87 -1.59 -33.86
C PHE B 211 14.30 -0.20 -33.45
N ILE B 212 13.75 0.82 -34.08
CA ILE B 212 14.07 2.22 -33.72
C ILE B 212 13.64 2.60 -32.30
N ILE B 213 12.42 2.19 -31.91
CA ILE B 213 11.91 2.47 -30.58
C ILE B 213 12.86 1.87 -29.57
N GLN B 214 13.25 0.61 -29.74
CA GLN B 214 14.06 -0.07 -28.72
C GLN B 214 15.55 0.28 -28.74
N ASN B 215 16.08 0.75 -29.88
CA ASN B 215 17.53 0.94 -30.03
C ASN B 215 17.98 2.39 -30.32
N GLY B 216 17.00 3.24 -30.67
CA GLY B 216 17.26 4.67 -31.05
C GLY B 216 17.42 5.46 -29.76
N GLY B 217 18.09 6.58 -29.78
CA GLY B 217 18.27 7.27 -28.49
C GLY B 217 17.14 8.23 -28.09
N HIS B 218 16.11 8.31 -28.95
CA HIS B 218 15.40 9.58 -29.09
C HIS B 218 13.90 9.46 -29.19
N LEU B 219 13.35 8.56 -28.39
CA LEU B 219 11.92 8.32 -28.35
C LEU B 219 11.09 9.58 -28.12
N ASP B 220 11.61 10.54 -27.35
CA ASP B 220 10.80 11.72 -27.02
C ASP B 220 10.96 12.94 -27.93
N ALA B 221 11.77 12.82 -28.97
CA ALA B 221 12.13 13.93 -29.85
C ALA B 221 10.86 14.63 -30.36
N LYS B 222 10.91 15.95 -30.48
CA LYS B 222 9.72 16.66 -30.95
C LYS B 222 9.72 17.05 -32.42
N ALA B 223 10.72 17.59 -33.04
CA ALA B 223 10.16 18.15 -34.37
C ALA B 223 9.53 19.51 -34.18
N ALA B 224 9.69 20.34 -35.20
CA ALA B 224 9.46 21.81 -35.09
C ALA B 224 8.11 22.19 -34.50
N ASP B 225 7.04 21.58 -35.02
CA ASP B 225 5.68 21.84 -34.53
C ASP B 225 5.27 21.11 -33.21
N GLY B 226 6.26 20.46 -32.58
CA GLY B 226 6.04 19.87 -31.26
C GLY B 226 5.51 18.45 -31.30
N ASN B 227 5.18 17.94 -32.48
CA ASN B 227 4.72 16.53 -32.52
C ASN B 227 5.82 15.51 -32.14
N THR B 228 5.49 14.59 -31.25
CA THR B 228 6.27 13.36 -30.97
C THR B 228 5.81 12.26 -31.91
N ALA B 229 6.50 11.11 -31.84
CA ALA B 229 6.14 9.93 -32.60
C ALA B 229 4.77 9.42 -32.26
N LEU B 230 4.38 9.53 -30.99
CA LEU B 230 3.00 9.24 -30.57
C LEU B 230 1.94 10.14 -31.21
N HIS B 231 2.25 11.44 -31.34
CA HIS B 231 1.37 12.37 -32.10
C HIS B 231 1.28 11.95 -33.55
N TYR B 232 2.41 11.67 -34.19
CA TYR B 232 2.47 11.14 -35.54
C TYR B 232 1.68 9.80 -35.71
N ALA B 233 1.72 8.91 -34.72
CA ALA B 233 0.95 7.64 -34.84
C ALA B 233 -0.57 7.91 -34.82
N ALA B 234 -0.98 8.85 -33.98
CA ALA B 234 -2.35 9.39 -34.00
C ALA B 234 -2.72 10.08 -35.33
N LEU B 235 -1.89 11.00 -35.80
CA LEU B 235 -2.12 11.76 -37.02
C LEU B 235 -2.23 10.84 -38.25
N TYR B 236 -1.38 9.81 -38.34
CA TYR B 236 -1.33 9.02 -39.56
C TYR B 236 -2.02 7.69 -39.43
N ASN B 237 -2.76 7.52 -38.33
CA ASN B 237 -3.64 6.38 -38.12
C ASN B 237 -2.79 5.12 -38.12
N GLN B 238 -1.92 5.00 -37.10
CA GLN B 238 -0.97 3.91 -37.05
C GLN B 238 -1.15 3.21 -35.71
N PRO B 239 -2.28 2.50 -35.52
CA PRO B 239 -2.52 1.98 -34.15
C PRO B 239 -1.49 0.91 -33.68
N ASP B 240 -0.95 0.12 -34.61
CA ASP B 240 0.08 -0.90 -34.22
C ASP B 240 1.40 -0.23 -33.77
N CYS B 241 1.81 0.84 -34.43
CA CYS B 241 2.88 1.75 -34.00
C CYS B 241 2.61 2.33 -32.61
N LEU B 242 1.38 2.82 -32.40
CA LEU B 242 0.98 3.28 -31.09
C LEU B 242 1.18 2.19 -30.04
N LYS B 243 0.79 0.94 -30.32
CA LYS B 243 1.01 -0.14 -29.36
C LYS B 243 2.51 -0.30 -29.06
N LEU B 244 3.37 -0.20 -30.08
CA LEU B 244 4.83 -0.38 -29.90
C LEU B 244 5.43 0.79 -29.13
N LEU B 245 4.92 2.00 -29.38
CA LEU B 245 5.42 3.22 -28.69
C LEU B 245 5.06 3.14 -27.20
N LEU B 246 3.82 2.72 -26.93
CA LEU B 246 3.34 2.65 -25.56
C LEU B 246 4.10 1.56 -24.82
N LYS B 247 4.24 0.42 -25.48
CA LYS B 247 5.15 -0.61 -24.92
C LYS B 247 6.58 -0.09 -24.62
N GLY B 248 7.13 0.69 -25.55
CA GLY B 248 8.42 1.38 -25.34
C GLY B 248 8.43 2.49 -24.31
N ARG B 249 7.37 2.68 -23.55
CA ARG B 249 7.22 3.80 -22.58
C ARG B 249 7.27 5.22 -23.21
N ALA B 250 6.75 5.39 -24.43
CA ALA B 250 6.57 6.75 -24.97
C ALA B 250 5.82 7.62 -23.94
N LEU B 251 6.12 8.89 -23.90
CA LEU B 251 5.42 9.84 -23.03
C LEU B 251 4.00 10.00 -23.54
N VAL B 252 3.04 9.85 -22.63
CA VAL B 252 1.61 9.96 -22.95
C VAL B 252 1.10 11.33 -22.44
N GLY B 253 0.19 11.94 -23.19
CA GLY B 253 -0.52 13.16 -22.69
C GLY B 253 0.29 14.46 -22.80
N THR B 254 1.38 14.44 -23.59
CA THR B 254 2.07 15.69 -23.83
C THR B 254 1.42 16.40 -25.01
N VAL B 255 1.56 17.73 -25.03
CA VAL B 255 0.98 18.53 -26.12
C VAL B 255 2.04 18.95 -27.12
N ASN B 256 1.62 19.13 -28.37
CA ASN B 256 2.46 19.73 -29.40
C ASN B 256 2.33 21.30 -29.36
N GLU B 257 2.94 22.02 -30.33
CA GLU B 257 2.99 23.52 -30.31
C GLU B 257 1.60 24.09 -30.51
N ALA B 258 0.71 23.29 -31.11
CA ALA B 258 -0.70 23.65 -31.24
C ALA B 258 -1.50 23.42 -30.01
N GLY B 259 -0.89 22.93 -28.95
CA GLY B 259 -1.67 22.60 -27.76
C GLY B 259 -2.42 21.28 -27.76
N GLU B 260 -2.13 20.39 -28.72
CA GLU B 260 -2.86 19.10 -28.81
C GLU B 260 -2.07 17.88 -28.31
N THR B 261 -2.78 16.98 -27.67
CA THR B 261 -2.27 15.65 -27.36
C THR B 261 -2.47 14.67 -28.58
N ALA B 262 -1.75 13.55 -28.57
CA ALA B 262 -1.99 12.49 -29.57
C ALA B 262 -3.47 12.12 -29.51
N LEU B 263 -4.01 12.05 -28.30
CA LEU B 263 -5.42 11.74 -28.16
C LEU B 263 -6.32 12.81 -28.85
N ASP B 264 -6.07 14.08 -28.64
CA ASP B 264 -6.82 15.09 -29.39
C ASP B 264 -6.83 14.88 -30.89
N ILE B 265 -5.68 14.48 -31.45
CA ILE B 265 -5.53 14.39 -32.90
C ILE B 265 -6.36 13.17 -33.39
N ALA B 266 -6.29 12.08 -32.63
CA ALA B 266 -6.98 10.85 -32.99
C ALA B 266 -8.51 11.13 -33.06
N ARG B 267 -9.05 11.76 -32.00
CA ARG B 267 -10.47 12.14 -31.89
C ARG B 267 -10.88 12.97 -33.07
N LYS B 268 -10.12 14.04 -33.35
CA LYS B 268 -10.45 14.96 -34.43
C LYS B 268 -10.40 14.29 -35.84
N LYS B 269 -9.58 13.26 -35.97
CA LYS B 269 -9.45 12.56 -37.26
C LYS B 269 -10.37 11.36 -37.40
N HIS B 270 -11.12 11.03 -36.36
CA HIS B 270 -12.00 9.83 -36.35
C HIS B 270 -11.17 8.51 -36.40
N HIS B 271 -9.97 8.58 -35.80
CA HIS B 271 -9.08 7.41 -35.74
C HIS B 271 -9.40 6.73 -34.45
N LYS B 272 -10.50 5.95 -34.44
CA LYS B 272 -11.09 5.39 -33.21
C LYS B 272 -10.22 4.39 -32.49
N GLU B 273 -9.64 3.46 -33.23
CA GLU B 273 -8.70 2.49 -32.66
C GLU B 273 -7.54 3.22 -31.92
N CYS B 274 -6.90 4.18 -32.56
CA CYS B 274 -5.92 5.05 -31.87
C CYS B 274 -6.44 5.76 -30.57
N GLU B 275 -7.63 6.39 -30.66
CA GLU B 275 -8.23 7.05 -29.47
C GLU B 275 -8.39 6.11 -28.30
N GLU B 276 -8.92 4.93 -28.59
CA GLU B 276 -9.15 3.91 -27.62
C GLU B 276 -7.84 3.48 -26.94
N LEU B 277 -6.78 3.31 -27.71
CA LEU B 277 -5.48 3.01 -27.11
C LEU B 277 -4.94 4.16 -26.26
N LEU B 278 -5.18 5.39 -26.71
CA LEU B 278 -4.69 6.58 -26.02
C LEU B 278 -5.54 6.91 -24.78
N GLU B 279 -6.84 6.61 -24.82
CA GLU B 279 -7.70 6.74 -23.64
C GLU B 279 -7.21 5.81 -22.52
N GLN B 280 -6.96 4.55 -22.86
CA GLN B 280 -6.36 3.59 -21.90
C GLN B 280 -4.98 3.98 -21.36
N ALA B 281 -4.09 4.39 -22.28
CA ALA B 281 -2.79 4.93 -21.85
C ALA B 281 -2.95 6.06 -20.84
N GLN B 282 -3.75 7.09 -21.19
CA GLN B 282 -3.98 8.21 -20.25
C GLN B 282 -4.58 7.78 -18.91
N ALA B 283 -5.35 6.70 -18.95
CA ALA B 283 -5.98 6.18 -17.74
C ALA B 283 -5.04 5.24 -17.01
N GLY B 284 -3.85 5.02 -17.55
CA GLY B 284 -2.93 4.06 -16.95
C GLY B 284 -3.50 2.64 -16.98
N THR B 285 -3.90 2.17 -18.16
CA THR B 285 -4.46 0.79 -18.29
C THR B 285 -3.34 -0.25 -18.16
N PHE B 286 -2.11 0.22 -18.35
CA PHE B 286 -1.18 0.05 -17.25
C PHE B 286 -0.34 1.20 -16.75
N ALA B 287 0.97 1.17 -16.97
CA ALA B 287 1.84 2.14 -16.29
C ALA B 287 2.04 1.90 -14.78
N PHE B 288 1.15 1.13 -14.14
CA PHE B 288 1.32 0.77 -12.71
C PHE B 288 1.60 1.98 -11.78
N PRO B 289 0.68 2.99 -11.77
CA PRO B 289 0.99 4.21 -11.01
C PRO B 289 1.14 3.96 -9.51
N LEU B 290 2.20 4.53 -8.94
CA LEU B 290 2.32 4.73 -7.50
C LEU B 290 1.21 5.67 -7.07
N HIS B 291 0.67 5.43 -5.88
CA HIS B 291 -0.29 6.33 -5.24
C HIS B 291 0.34 6.97 -4.04
N VAL B 292 -0.09 8.21 -3.76
CA VAL B 292 0.25 8.89 -2.49
C VAL B 292 -0.33 8.09 -1.28
N ASP B 293 0.51 7.78 -0.30
CA ASP B 293 0.03 7.18 0.95
C ASP B 293 -0.22 8.30 1.94
N TYR B 294 -1.48 8.63 2.16
CA TYR B 294 -1.86 9.74 3.03
C TYR B 294 -1.30 9.57 4.44
N SER B 295 -1.42 8.37 4.97
CA SER B 295 -0.94 8.07 6.32
C SER B 295 0.57 8.41 6.46
N TRP B 296 1.37 8.01 5.47
CA TRP B 296 2.81 8.26 5.50
C TRP B 296 3.13 9.75 5.44
N VAL B 297 2.40 10.49 4.62
CA VAL B 297 2.53 11.93 4.51
C VAL B 297 2.26 12.60 5.86
N ILE B 298 1.18 12.23 6.54
CA ILE B 298 0.88 12.87 7.84
C ILE B 298 1.92 12.49 8.90
N SER B 299 2.35 11.24 8.92
CA SER B 299 3.25 10.77 9.96
C SER B 299 4.69 11.27 9.71
N THR B 300 4.87 11.95 8.59
CA THR B 300 6.20 12.36 8.08
C THR B 300 6.44 13.88 8.14
N GLU B 301 5.38 14.68 8.18
CA GLU B 301 5.54 16.13 8.36
C GLU B 301 5.70 16.51 9.83
N PRO C 25 -5.10 21.98 9.46
CA PRO C 25 -5.07 20.64 8.86
C PRO C 25 -4.31 20.63 7.53
N HIS C 26 -3.57 19.55 7.28
CA HIS C 26 -2.80 19.32 6.05
C HIS C 26 -3.68 19.46 4.82
N ASP C 27 -3.09 19.96 3.72
CA ASP C 27 -3.80 20.09 2.44
C ASP C 27 -4.41 18.76 1.96
N LEU C 28 -3.71 17.66 2.25
CA LEU C 28 -4.19 16.33 1.87
C LEU C 28 -5.43 15.89 2.64
N THR C 29 -5.44 16.26 3.93
CA THR C 29 -6.54 15.97 4.87
C THR C 29 -7.74 16.74 4.36
N LYS C 30 -7.49 17.98 3.95
CA LYS C 30 -8.54 18.80 3.37
C LYS C 30 -9.11 18.14 2.11
N LEU C 31 -8.22 17.64 1.26
CA LEU C 31 -8.67 16.93 0.05
C LEU C 31 -9.55 15.68 0.40
N LEU C 32 -9.09 14.84 1.31
CA LEU C 32 -9.80 13.61 1.73
C LEU C 32 -11.14 13.93 2.41
N ILE C 33 -11.21 14.99 3.22
CA ILE C 33 -12.50 15.41 3.82
C ILE C 33 -13.51 15.77 2.71
N ALA C 34 -13.06 16.55 1.73
CA ALA C 34 -13.94 16.96 0.65
C ALA C 34 -14.40 15.73 -0.20
N GLU C 35 -13.49 14.79 -0.36
CA GLU C 35 -13.81 13.51 -0.98
C GLU C 35 -14.85 12.65 -0.17
N VAL C 36 -14.69 12.56 1.15
CA VAL C 36 -15.69 11.92 1.99
C VAL C 36 -17.05 12.57 1.77
N LYS C 37 -17.09 13.90 1.79
CA LYS C 37 -18.34 14.63 1.67
C LYS C 37 -18.99 14.48 0.28
N SER C 38 -18.16 14.24 -0.73
CA SER C 38 -18.69 13.98 -2.07
C SER C 38 -19.20 12.53 -2.34
N ARG C 39 -19.10 11.59 -1.39
CA ARG C 39 -19.57 10.19 -1.64
C ARG C 39 -21.12 10.24 -1.83
N PRO C 40 -21.73 9.28 -2.58
CA PRO C 40 -23.20 9.30 -2.81
C PRO C 40 -23.97 9.38 -1.48
N GLY C 41 -24.84 10.39 -1.37
CA GLY C 41 -25.67 10.59 -0.19
C GLY C 41 -25.08 11.44 0.92
N ASN C 42 -23.77 11.75 0.85
CA ASN C 42 -23.09 12.46 1.94
C ASN C 42 -23.36 13.99 1.98
N SER C 43 -24.19 14.50 1.08
CA SER C 43 -24.56 15.91 1.13
C SER C 43 -25.82 16.08 1.99
N GLN C 44 -26.33 14.95 2.53
CA GLN C 44 -27.52 14.95 3.38
C GLN C 44 -27.29 14.06 4.58
N CYS C 45 -27.70 14.53 5.76
CA CYS C 45 -27.57 13.74 6.95
C CYS C 45 -28.16 12.31 6.76
N CYS C 46 -27.41 11.29 7.19
CA CYS C 46 -27.77 9.88 7.07
C CYS C 46 -29.14 9.58 7.67
N ASP C 47 -29.46 10.26 8.76
CA ASP C 47 -30.65 9.95 9.53
C ASP C 47 -31.80 10.93 9.32
N CYS C 48 -31.56 12.20 8.94
CA CYS C 48 -32.66 13.17 8.84
C CYS C 48 -32.62 14.00 7.55
N GLY C 49 -31.60 13.77 6.72
CA GLY C 49 -31.51 14.47 5.43
C GLY C 49 -31.06 15.94 5.51
N ALA C 50 -30.84 16.49 6.70
CA ALA C 50 -30.29 17.85 6.81
C ALA C 50 -29.07 18.01 5.93
N ALA C 51 -28.95 19.17 5.30
CA ALA C 51 -27.91 19.39 4.32
C ALA C 51 -26.50 19.50 4.95
N ASP C 52 -25.52 19.02 4.21
CA ASP C 52 -24.10 19.16 4.56
C ASP C 52 -23.70 18.64 5.98
N PRO C 53 -23.96 17.35 6.28
CA PRO C 53 -23.57 16.75 7.51
C PRO C 53 -22.03 16.69 7.67
N THR C 54 -21.54 16.85 8.90
CA THR C 54 -20.07 16.82 9.11
C THR C 54 -19.64 15.88 10.21
N TRP C 55 -20.59 15.12 10.75
CA TRP C 55 -20.25 14.21 11.83
C TRP C 55 -20.18 12.79 11.30
N LEU C 56 -18.98 12.22 11.40
CA LEU C 56 -18.67 10.86 11.00
C LEU C 56 -18.87 9.78 12.10
N SER C 57 -19.71 8.78 11.82
CA SER C 57 -19.82 7.62 12.68
C SER C 57 -18.71 6.68 12.24
N THR C 58 -17.64 6.61 13.03
CA THR C 58 -16.39 6.09 12.51
C THR C 58 -16.40 4.61 12.28
N ASN C 59 -17.21 3.88 13.05
CA ASN C 59 -17.30 2.45 12.87
C ASN C 59 -18.29 2.05 11.72
N LEU C 60 -19.03 3.02 11.20
CA LEU C 60 -20.11 2.73 10.23
C LEU C 60 -19.86 3.38 8.86
N GLY C 61 -19.08 4.46 8.82
CA GLY C 61 -18.77 5.11 7.52
C GLY C 61 -19.89 6.00 6.99
N VAL C 62 -20.66 6.54 7.91
CA VAL C 62 -21.78 7.38 7.59
C VAL C 62 -21.67 8.83 8.17
N LEU C 63 -22.27 9.83 7.49
CA LEU C 63 -22.26 11.24 7.98
C LEU C 63 -23.63 11.76 8.49
N THR C 64 -23.63 12.31 9.72
CA THR C 64 -24.83 12.95 10.30
C THR C 64 -24.66 14.46 10.63
N CYS C 65 -25.79 15.15 10.81
CA CYS C 65 -25.85 16.53 11.34
C CYS C 65 -25.57 16.47 12.85
N ILE C 66 -25.42 17.62 13.49
CA ILE C 66 -25.03 17.67 14.89
C ILE C 66 -26.12 17.11 15.82
N GLN C 67 -27.38 17.28 15.48
CA GLN C 67 -28.46 16.81 16.39
C GLN C 67 -28.52 15.27 16.43
N CYS C 68 -28.42 14.65 15.24
CA CYS C 68 -28.37 13.21 15.10
C CYS C 68 -27.10 12.64 15.74
N SER C 69 -25.97 13.33 15.63
CA SER C 69 -24.73 12.79 16.25
C SER C 69 -24.78 12.74 17.75
N GLY C 70 -25.50 13.69 18.36
CA GLY C 70 -25.70 13.71 19.83
C GLY C 70 -26.42 12.45 20.24
N VAL C 71 -27.44 12.08 19.48
CA VAL C 71 -28.13 10.78 19.71
C VAL C 71 -27.19 9.58 19.53
N HIS C 72 -26.43 9.55 18.43
CA HIS C 72 -25.51 8.44 18.18
C HIS C 72 -24.56 8.33 19.37
N ARG C 73 -24.01 9.47 19.80
CA ARG C 73 -23.16 9.48 21.04
C ARG C 73 -23.95 8.94 22.24
N GLU C 74 -25.22 9.34 22.42
CA GLU C 74 -26.06 8.74 23.51
C GLU C 74 -26.06 7.19 23.44
N LEU C 75 -26.05 6.61 22.23
CA LEU C 75 -26.08 5.13 22.09
C LEU C 75 -24.86 4.43 22.71
N GLY C 76 -23.73 5.13 22.74
CA GLY C 76 -22.48 4.54 23.26
C GLY C 76 -21.65 3.76 22.26
N VAL C 77 -20.45 3.36 22.69
CA VAL C 77 -19.43 2.82 21.82
C VAL C 77 -19.88 1.54 21.13
N ARG C 78 -20.80 0.81 21.74
CA ARG C 78 -21.28 -0.45 21.16
C ARG C 78 -21.99 -0.24 19.81
N PHE C 79 -22.44 0.98 19.53
CA PHE C 79 -23.21 1.23 18.33
C PHE C 79 -22.58 2.24 17.36
N SER C 80 -22.05 3.31 17.92
CA SER C 80 -21.57 4.40 17.07
C SER C 80 -20.53 5.21 17.78
N ARG C 81 -19.52 5.62 17.03
CA ARG C 81 -18.41 6.39 17.58
C ARG C 81 -18.23 7.63 16.74
N MET C 82 -18.81 8.74 17.20
CA MET C 82 -18.88 9.97 16.42
C MET C 82 -17.59 10.78 16.46
N GLN C 83 -17.16 11.29 15.31
CA GLN C 83 -16.13 12.32 15.29
C GLN C 83 -16.45 13.37 14.24
N SER C 84 -16.01 14.60 14.49
CA SER C 84 -16.22 15.66 13.50
C SER C 84 -15.18 15.59 12.39
N LEU C 85 -15.62 15.64 11.14
CA LEU C 85 -14.74 15.88 9.98
C LEU C 85 -14.02 17.26 9.98
N THR C 86 -14.71 18.27 10.48
CA THR C 86 -14.15 19.60 10.61
C THR C 86 -13.19 19.63 11.83
N LEU C 87 -13.69 19.25 13.01
CA LEU C 87 -13.02 19.54 14.26
C LEU C 87 -12.00 18.51 14.73
N ASP C 88 -12.19 17.22 14.42
CA ASP C 88 -11.41 16.17 15.07
C ASP C 88 -10.33 15.68 14.15
N LEU C 89 -9.28 15.09 14.73
CA LEU C 89 -8.21 14.43 13.94
C LEU C 89 -8.62 12.99 13.62
N LEU C 90 -8.82 12.71 12.33
CA LEU C 90 -9.36 11.43 11.91
C LEU C 90 -8.26 10.48 11.41
N GLY C 91 -8.30 9.25 11.90
CA GLY C 91 -7.42 8.21 11.40
C GLY C 91 -7.74 7.66 10.01
N PRO C 92 -6.71 7.07 9.34
CA PRO C 92 -6.84 6.58 7.98
C PRO C 92 -7.80 5.41 7.76
N SER C 93 -7.91 4.48 8.70
CA SER C 93 -8.90 3.41 8.49
C SER C 93 -10.35 3.95 8.62
N GLU C 94 -10.55 4.94 9.49
CA GLU C 94 -11.84 5.65 9.62
C GLU C 94 -12.22 6.36 8.34
N LEU C 95 -11.26 7.13 7.82
CA LEU C 95 -11.41 7.78 6.54
C LEU C 95 -11.69 6.76 5.42
N LEU C 96 -11.02 5.63 5.46
CA LEU C 96 -11.15 4.57 4.43
C LEU C 96 -12.53 3.89 4.43
N LEU C 97 -13.05 3.55 5.59
CA LEU C 97 -14.42 3.13 5.68
C LEU C 97 -15.38 4.23 5.18
N ALA C 98 -15.21 5.47 5.65
CA ALA C 98 -16.05 6.56 5.18
C ALA C 98 -16.02 6.73 3.65
N LEU C 99 -14.85 6.57 3.04
CA LEU C 99 -14.74 6.62 1.57
C LEU C 99 -15.43 5.45 0.84
N ASN C 100 -15.48 4.28 1.48
CA ASN C 100 -16.04 3.06 0.86
C ASN C 100 -17.48 2.77 1.28
N MET C 101 -17.99 3.55 2.24
CA MET C 101 -19.39 3.41 2.61
C MET C 101 -20.20 4.59 2.07
N GLY C 102 -20.44 5.63 2.88
CA GLY C 102 -21.30 6.74 2.47
C GLY C 102 -22.78 6.45 2.77
N ASN C 103 -23.59 7.51 2.80
CA ASN C 103 -24.98 7.44 3.29
C ASN C 103 -25.91 6.64 2.38
N THR C 104 -25.80 6.80 1.06
CA THR C 104 -26.65 6.09 0.10
C THR C 104 -26.41 4.57 0.19
N SER C 105 -25.17 4.11 0.07
CA SER C 105 -24.85 2.68 0.34
C SER C 105 -25.38 2.16 1.71
N PHE C 106 -25.12 2.91 2.78
CA PHE C 106 -25.55 2.43 4.07
C PHE C 106 -27.09 2.35 4.17
N ASN C 107 -27.80 3.38 3.70
CA ASN C 107 -29.28 3.41 3.85
C ASN C 107 -30.04 2.48 2.88
N GLU C 108 -29.38 2.16 1.77
CA GLU C 108 -29.82 1.10 0.82
C GLU C 108 -30.11 -0.15 1.58
N VAL C 109 -29.26 -0.44 2.57
CA VAL C 109 -29.44 -1.60 3.43
C VAL C 109 -30.31 -1.26 4.61
N MET C 110 -29.94 -0.21 5.36
CA MET C 110 -30.48 0.00 6.70
C MET C 110 -31.84 0.65 6.70
N GLU C 111 -32.21 1.26 5.58
CA GLU C 111 -33.55 1.88 5.44
C GLU C 111 -34.37 1.22 4.33
N ALA C 112 -33.96 0.04 3.90
CA ALA C 112 -34.63 -0.65 2.78
C ALA C 112 -36.17 -0.75 2.97
N GLN C 113 -36.64 -0.97 4.20
CA GLN C 113 -38.11 -1.26 4.39
C GLN C 113 -38.98 0.00 4.36
N LEU C 114 -38.34 1.17 4.34
CA LEU C 114 -39.07 2.45 4.39
C LEU C 114 -39.88 2.67 3.13
N PRO C 115 -41.13 3.19 3.25
CA PRO C 115 -41.92 3.42 2.06
C PRO C 115 -41.43 4.70 1.35
N SER C 116 -41.72 4.84 0.07
CA SER C 116 -41.38 6.05 -0.68
C SER C 116 -41.89 7.38 -0.13
N HIS C 117 -42.99 7.36 0.62
CA HIS C 117 -43.60 8.55 1.16
C HIS C 117 -44.27 8.15 2.48
N GLY C 118 -44.51 9.10 3.37
CA GLY C 118 -45.19 8.88 4.67
C GLY C 118 -44.49 8.01 5.69
N GLY C 119 -43.17 7.84 5.56
CA GLY C 119 -42.41 6.92 6.40
C GLY C 119 -41.92 7.61 7.65
N PRO C 120 -41.16 6.88 8.51
CA PRO C 120 -40.76 7.48 9.79
C PRO C 120 -39.49 8.36 9.77
N LYS C 121 -38.77 8.47 8.65
CA LYS C 121 -37.43 9.14 8.72
C LYS C 121 -37.63 10.62 9.09
N PRO C 122 -36.98 11.09 10.17
CA PRO C 122 -37.20 12.53 10.50
C PRO C 122 -36.65 13.56 9.48
N SER C 123 -37.00 14.84 9.68
CA SER C 123 -36.48 15.95 8.84
C SER C 123 -35.46 16.75 9.66
N ALA C 124 -34.78 17.70 9.00
CA ALA C 124 -33.84 18.59 9.68
C ALA C 124 -34.41 19.23 10.94
N GLU C 125 -35.72 19.52 10.94
CA GLU C 125 -36.39 20.24 12.02
C GLU C 125 -37.24 19.36 12.95
N SER C 126 -37.22 18.02 12.81
CA SER C 126 -37.90 17.13 13.75
C SER C 126 -37.50 17.40 15.19
N ASP C 127 -38.45 17.20 16.09
CA ASP C 127 -38.21 17.25 17.50
C ASP C 127 -37.28 16.10 17.95
N MET C 128 -36.62 16.31 19.08
CA MET C 128 -35.54 15.43 19.52
C MET C 128 -36.05 14.04 19.88
N GLY C 129 -37.23 13.97 20.50
CA GLY C 129 -37.89 12.68 20.77
C GLY C 129 -38.12 11.82 19.51
N THR C 130 -38.58 12.44 18.44
CA THR C 130 -38.87 11.78 17.17
C THR C 130 -37.54 11.34 16.51
N ARG C 131 -36.53 12.20 16.64
CA ARG C 131 -35.17 11.93 16.13
C ARG C 131 -34.49 10.76 16.89
N ARG C 132 -34.53 10.80 18.23
CA ARG C 132 -34.00 9.73 19.08
C ARG C 132 -34.65 8.39 18.86
N ASP C 133 -35.97 8.37 18.78
CA ASP C 133 -36.68 7.12 18.56
C ASP C 133 -36.35 6.52 17.20
N TYR C 134 -36.33 7.34 16.16
CA TYR C 134 -35.90 6.86 14.85
C TYR C 134 -34.52 6.20 14.87
N ILE C 135 -33.56 6.90 15.46
CA ILE C 135 -32.16 6.47 15.41
C ILE C 135 -31.99 5.21 16.20
N MET C 136 -32.62 5.12 17.37
CA MET C 136 -32.70 3.83 18.11
C MET C 136 -33.29 2.68 17.30
N ALA C 137 -34.48 2.86 16.72
CA ALA C 137 -35.08 1.85 15.83
C ALA C 137 -34.07 1.45 14.74
N LYS C 138 -33.44 2.47 14.12
CA LYS C 138 -32.60 2.24 12.95
C LYS C 138 -31.34 1.42 13.28
N TYR C 139 -30.69 1.80 14.38
CA TYR C 139 -29.31 1.37 14.62
C TYR C 139 -29.23 0.35 15.73
N VAL C 140 -30.18 0.38 16.66
CA VAL C 140 -30.20 -0.57 17.78
C VAL C 140 -31.09 -1.77 17.43
N GLU C 141 -32.31 -1.47 16.97
CA GLU C 141 -33.27 -2.50 16.69
C GLU C 141 -33.12 -2.99 15.24
N HIS C 142 -32.42 -2.23 14.40
CA HIS C 142 -32.35 -2.54 12.95
C HIS C 142 -33.76 -2.74 12.32
N ARG C 143 -34.71 -1.91 12.75
CA ARG C 143 -36.14 -2.05 12.38
C ARG C 143 -36.41 -1.88 10.88
N PHE C 144 -35.57 -1.09 10.21
CA PHE C 144 -35.88 -0.77 8.86
C PHE C 144 -35.02 -1.45 7.82
N ALA C 145 -34.06 -2.24 8.28
CA ALA C 145 -33.06 -2.88 7.43
C ALA C 145 -33.67 -3.99 6.54
N ARG C 146 -33.06 -4.21 5.39
CA ARG C 146 -33.52 -5.22 4.43
C ARG C 146 -33.88 -6.61 4.99
N ARG C 147 -33.07 -7.26 5.79
CA ARG C 147 -33.61 -8.63 6.14
C ARG C 147 -33.83 -9.53 4.91
N PRO C 150 -30.78 -15.34 4.82
CA PRO C 150 -30.42 -16.08 6.05
C PRO C 150 -29.46 -17.27 5.79
N GLU C 151 -28.61 -17.15 4.74
CA GLU C 151 -27.87 -18.28 4.13
C GLU C 151 -26.32 -18.18 4.15
N PRO C 152 -25.65 -19.06 4.94
CA PRO C 152 -24.20 -18.99 5.11
C PRO C 152 -23.39 -19.01 3.82
N GLN C 153 -23.86 -19.65 2.77
CA GLN C 153 -23.03 -19.67 1.55
C GLN C 153 -22.98 -18.36 0.84
N ARG C 154 -24.08 -17.63 0.87
CA ARG C 154 -24.17 -16.32 0.26
C ARG C 154 -23.26 -15.32 1.01
N LEU C 155 -23.16 -15.48 2.33
CA LEU C 155 -22.27 -14.62 3.11
C LEU C 155 -20.83 -15.01 2.83
N TRP C 156 -20.53 -16.31 2.84
CA TRP C 156 -19.21 -16.78 2.47
C TRP C 156 -18.83 -16.19 1.10
N THR C 157 -19.73 -16.28 0.11
CA THR C 157 -19.47 -15.70 -1.22
C THR C 157 -19.26 -14.18 -1.18
N ALA C 158 -20.08 -13.47 -0.40
CA ALA C 158 -19.99 -12.01 -0.34
C ALA C 158 -18.59 -11.67 0.15
N ILE C 159 -18.10 -12.40 1.15
CA ILE C 159 -16.80 -12.11 1.79
C ILE C 159 -15.70 -12.32 0.79
N CYS C 160 -15.78 -13.45 0.06
CA CYS C 160 -14.86 -13.76 -1.01
C CYS C 160 -14.92 -12.71 -2.10
N ASN C 161 -16.12 -12.16 -2.34
CA ASN C 161 -16.26 -11.11 -3.35
C ASN C 161 -16.01 -9.68 -2.87
N ARG C 162 -15.66 -9.52 -1.60
CA ARG C 162 -15.38 -8.23 -0.97
C ARG C 162 -16.58 -7.34 -1.02
N ASP C 163 -17.75 -7.93 -0.82
CA ASP C 163 -19.04 -7.27 -0.95
C ASP C 163 -19.42 -6.69 0.40
N LEU C 164 -18.93 -5.48 0.67
CA LEU C 164 -19.18 -4.78 1.91
C LEU C 164 -20.67 -4.63 2.20
N LEU C 165 -21.47 -4.31 1.19
CA LEU C 165 -22.91 -4.11 1.45
C LEU C 165 -23.67 -5.36 1.89
N SER C 166 -23.20 -6.52 1.43
CA SER C 166 -23.74 -7.80 1.90
C SER C 166 -23.34 -8.14 3.30
N VAL C 167 -22.12 -7.74 3.66
CA VAL C 167 -21.67 -7.93 5.04
C VAL C 167 -22.49 -7.02 5.98
N LEU C 168 -22.74 -5.77 5.56
CA LEU C 168 -23.58 -4.85 6.35
C LEU C 168 -25.00 -5.45 6.55
N GLU C 169 -25.56 -6.00 5.48
CA GLU C 169 -26.88 -6.62 5.55
C GLU C 169 -26.90 -7.80 6.51
N ALA C 170 -25.84 -8.62 6.52
CA ALA C 170 -25.82 -9.77 7.45
C ALA C 170 -25.82 -9.25 8.86
N PHE C 171 -25.01 -8.23 9.09
CA PHE C 171 -24.90 -7.57 10.42
C PHE C 171 -26.27 -7.04 10.77
N ALA C 172 -26.97 -6.47 9.79
CA ALA C 172 -28.25 -5.79 10.04
C ALA C 172 -29.36 -6.82 10.24
N ASN C 173 -29.09 -8.06 9.83
CA ASN C 173 -29.99 -9.17 10.08
C ASN C 173 -29.71 -10.04 11.30
N GLY C 174 -28.91 -9.55 12.23
CA GLY C 174 -28.58 -10.28 13.45
C GLY C 174 -27.77 -11.56 13.21
N GLN C 175 -26.94 -11.57 12.15
CA GLN C 175 -25.97 -12.64 11.96
C GLN C 175 -25.04 -12.77 13.19
N ASP C 176 -24.92 -13.99 13.71
CA ASP C 176 -23.99 -14.25 14.80
C ASP C 176 -22.60 -14.48 14.21
N PHE C 177 -21.74 -13.47 14.32
CA PHE C 177 -20.43 -13.50 13.69
C PHE C 177 -19.51 -14.45 14.47
N GLY C 178 -19.96 -14.89 15.66
CA GLY C 178 -19.22 -15.86 16.50
C GLY C 178 -19.52 -17.35 16.24
N GLN C 179 -20.50 -17.64 15.36
CA GLN C 179 -20.76 -18.99 14.87
C GLN C 179 -20.21 -19.17 13.45
N PRO C 180 -19.53 -20.31 13.18
CA PRO C 180 -18.88 -20.55 11.89
C PRO C 180 -19.83 -20.78 10.74
N LEU C 181 -19.38 -20.43 9.55
CA LEU C 181 -20.11 -20.69 8.34
C LEU C 181 -19.69 -22.04 7.81
N PRO C 182 -20.68 -22.93 7.59
CA PRO C 182 -20.39 -24.08 6.73
C PRO C 182 -20.26 -23.57 5.27
N GLY C 183 -19.08 -23.76 4.69
CA GLY C 183 -18.73 -23.17 3.38
C GLY C 183 -18.60 -24.13 2.21
N GLU C 190 -15.34 -25.24 7.03
CA GLU C 190 -16.15 -24.42 7.95
C GLU C 190 -15.26 -23.22 8.34
N GLU C 191 -15.78 -22.00 8.31
CA GLU C 191 -14.90 -20.84 8.56
C GLU C 191 -15.69 -19.75 9.28
N LEU C 192 -15.11 -19.15 10.30
CA LEU C 192 -15.76 -18.01 10.94
C LEU C 192 -15.70 -16.81 10.00
N VAL C 193 -16.65 -15.88 10.10
CA VAL C 193 -16.74 -14.72 9.18
C VAL C 193 -15.44 -13.88 9.19
N LEU C 194 -14.97 -13.48 10.36
CA LEU C 194 -13.75 -12.69 10.44
C LEU C 194 -12.51 -13.48 9.97
N HIS C 195 -12.43 -14.78 10.28
CA HIS C 195 -11.29 -15.62 9.85
C HIS C 195 -11.24 -15.67 8.35
N LEU C 196 -12.40 -15.88 7.72
CA LEU C 196 -12.50 -15.94 6.26
C LEU C 196 -12.11 -14.59 5.62
N ALA C 197 -12.66 -13.50 6.13
CA ALA C 197 -12.28 -12.16 5.64
C ALA C 197 -10.74 -11.89 5.69
N VAL C 198 -10.12 -12.26 6.80
CA VAL C 198 -8.68 -12.09 6.99
C VAL C 198 -7.89 -12.98 5.99
N LYS C 199 -8.28 -14.24 5.90
CA LYS C 199 -7.63 -15.19 4.98
C LYS C 199 -7.62 -14.72 3.54
N VAL C 200 -8.74 -14.16 3.07
CA VAL C 200 -8.89 -13.73 1.69
C VAL C 200 -8.55 -12.26 1.44
N ALA C 201 -8.13 -11.54 2.47
CA ALA C 201 -8.04 -10.07 2.34
C ALA C 201 -7.06 -9.67 1.26
N ASN C 202 -7.43 -8.65 0.49
CA ASN C 202 -6.46 -7.85 -0.27
C ASN C 202 -6.63 -6.37 0.17
N GLN C 203 -5.90 -5.46 -0.47
CA GLN C 203 -5.85 -4.09 -0.01
C GLN C 203 -7.23 -3.51 -0.25
N ALA C 204 -7.86 -3.92 -1.35
CA ALA C 204 -9.25 -3.50 -1.62
C ALA C 204 -10.26 -3.87 -0.52
N SER C 205 -10.10 -5.00 0.13
CA SER C 205 -11.09 -5.50 1.10
C SER C 205 -10.88 -5.05 2.60
N LEU C 206 -9.79 -4.35 2.87
CA LEU C 206 -9.52 -3.89 4.20
C LEU C 206 -10.66 -3.09 4.92
N PRO C 207 -11.41 -2.20 4.22
CA PRO C 207 -12.64 -1.59 4.85
C PRO C 207 -13.63 -2.64 5.33
N LEU C 208 -13.75 -3.76 4.61
CA LEU C 208 -14.65 -4.83 5.02
C LEU C 208 -14.16 -5.56 6.28
N VAL C 209 -12.85 -5.86 6.31
CA VAL C 209 -12.20 -6.44 7.47
C VAL C 209 -12.38 -5.48 8.66
N ASP C 210 -12.06 -4.21 8.46
CA ASP C 210 -12.33 -3.17 9.51
C ASP C 210 -13.78 -3.14 10.00
N PHE C 211 -14.72 -3.09 9.04
CA PHE C 211 -16.14 -3.14 9.40
C PHE C 211 -16.45 -4.34 10.29
N ILE C 212 -15.96 -5.52 9.91
CA ILE C 212 -16.17 -6.71 10.72
C ILE C 212 -15.58 -6.64 12.15
N ILE C 213 -14.33 -6.14 12.28
CA ILE C 213 -13.70 -6.04 13.58
C ILE C 213 -14.44 -5.07 14.48
N GLN C 214 -14.82 -3.93 13.93
CA GLN C 214 -15.48 -2.84 14.70
C GLN C 214 -16.93 -3.18 15.12
N ASN C 215 -17.62 -4.01 14.33
CA ASN C 215 -19.06 -4.21 14.49
C ASN C 215 -19.47 -5.65 14.71
N GLY C 216 -18.66 -6.63 14.30
CA GLY C 216 -19.07 -8.07 14.50
C GLY C 216 -19.06 -8.34 15.99
N GLY C 217 -19.86 -9.20 16.56
CA GLY C 217 -19.59 -9.18 18.09
C GLY C 217 -18.31 -9.89 18.64
N HIS C 218 -17.50 -10.43 17.73
CA HIS C 218 -16.84 -11.73 18.01
C HIS C 218 -15.38 -11.85 17.70
N LEU C 219 -14.63 -10.80 18.04
CA LEU C 219 -13.20 -10.79 17.75
C LEU C 219 -12.39 -12.00 18.27
N ASP C 220 -12.80 -12.57 19.40
CA ASP C 220 -12.00 -13.63 20.01
C ASP C 220 -12.43 -15.05 19.61
N ALA C 221 -13.38 -15.14 18.68
CA ALA C 221 -13.88 -16.38 18.12
C ALA C 221 -12.72 -17.28 17.71
N LYS C 222 -12.91 -18.57 17.96
CA LYS C 222 -11.82 -19.51 17.82
C LYS C 222 -11.98 -20.48 16.68
N ALA C 223 -13.04 -21.24 16.56
CA ALA C 223 -12.80 -22.26 15.48
C ALA C 223 -11.95 -23.45 15.93
N ALA C 224 -12.15 -24.54 15.20
CA ALA C 224 -11.97 -25.90 15.75
C ALA C 224 -10.51 -26.16 16.13
N ASP C 225 -9.60 -25.74 15.25
CA ASP C 225 -8.19 -25.86 15.57
C ASP C 225 -7.64 -24.88 16.62
N GLY C 226 -8.48 -23.97 17.16
CA GLY C 226 -8.04 -23.00 18.23
C GLY C 226 -7.53 -21.65 17.70
N ASN C 227 -7.30 -21.57 16.40
CA ASN C 227 -6.83 -20.33 15.78
C ASN C 227 -7.85 -19.17 15.86
N THR C 228 -7.40 -17.98 16.23
CA THR C 228 -8.21 -16.76 16.21
C THR C 228 -7.94 -16.01 14.92
N ALA C 229 -8.62 -14.87 14.70
CA ALA C 229 -8.41 -14.07 13.48
C ALA C 229 -6.94 -13.65 13.41
N LEU C 230 -6.38 -13.38 14.59
CA LEU C 230 -4.97 -12.99 14.75
C LEU C 230 -4.02 -14.09 14.27
N HIS C 231 -4.37 -15.35 14.59
CA HIS C 231 -3.54 -16.48 14.18
C HIS C 231 -3.67 -16.58 12.67
N TYR C 232 -4.86 -16.36 12.14
CA TYR C 232 -5.05 -16.37 10.66
C TYR C 232 -4.25 -15.26 9.96
N ALA C 233 -4.14 -14.10 10.57
CA ALA C 233 -3.43 -13.00 9.92
C ALA C 233 -1.95 -13.35 9.81
N ALA C 234 -1.46 -14.05 10.84
CA ALA C 234 -0.08 -14.53 10.87
C ALA C 234 0.12 -15.66 9.85
N LEU C 235 -0.82 -16.59 9.80
CA LEU C 235 -0.75 -17.73 8.92
C LEU C 235 -0.70 -17.35 7.44
N TYR C 236 -1.50 -16.34 7.07
CA TYR C 236 -1.67 -15.90 5.72
C TYR C 236 -0.86 -14.69 5.36
N ASN C 237 0.04 -14.27 6.24
CA ASN C 237 0.90 -13.08 6.02
C ASN C 237 0.08 -11.83 5.65
N GLN C 238 -0.72 -11.37 6.62
CA GLN C 238 -1.68 -10.27 6.42
C GLN C 238 -1.39 -9.14 7.40
N PRO C 239 -0.24 -8.44 7.23
CA PRO C 239 0.14 -7.41 8.17
C PRO C 239 -0.87 -6.26 8.33
N ASP C 240 -1.52 -5.84 7.25
CA ASP C 240 -2.52 -4.79 7.37
C ASP C 240 -3.72 -5.29 8.20
N CYS C 241 -4.15 -6.54 8.00
CA CYS C 241 -5.25 -7.11 8.81
C CYS C 241 -4.82 -7.16 10.27
N LEU C 242 -3.59 -7.59 10.49
CA LEU C 242 -3.00 -7.64 11.80
C LEU C 242 -3.05 -6.25 12.46
N LYS C 243 -2.74 -5.19 11.72
CA LYS C 243 -2.89 -3.82 12.27
C LYS C 243 -4.32 -3.53 12.70
N LEU C 244 -5.26 -3.95 11.88
CA LEU C 244 -6.68 -3.66 12.19
C LEU C 244 -7.16 -4.46 13.40
N LEU C 245 -6.65 -5.68 13.54
CA LEU C 245 -7.06 -6.61 14.59
C LEU C 245 -6.55 -6.11 15.94
N LEU C 246 -5.33 -5.58 15.91
CA LEU C 246 -4.69 -4.99 17.09
C LEU C 246 -5.36 -3.68 17.51
N LYS C 247 -5.72 -2.85 16.53
CA LYS C 247 -6.59 -1.67 16.76
C LYS C 247 -7.92 -2.04 17.43
N GLY C 248 -8.50 -3.17 17.03
CA GLY C 248 -9.72 -3.66 17.69
C GLY C 248 -9.45 -4.39 19.01
N ARG C 249 -8.22 -4.38 19.51
CA ARG C 249 -7.85 -4.98 20.81
C ARG C 249 -7.99 -6.53 20.81
N ALA C 250 -7.61 -7.17 19.69
CA ALA C 250 -7.55 -8.62 19.65
C ALA C 250 -6.70 -9.09 20.84
N LEU C 251 -6.98 -10.28 21.38
CA LEU C 251 -6.16 -10.84 22.46
C LEU C 251 -4.87 -11.43 21.87
N VAL C 252 -3.75 -11.06 22.46
CA VAL C 252 -2.43 -11.43 21.99
C VAL C 252 -1.96 -12.59 22.89
N GLY C 253 -1.21 -13.55 22.36
CA GLY C 253 -0.72 -14.58 23.29
C GLY C 253 -1.63 -15.78 23.57
N THR C 254 -2.84 -15.77 22.99
CA THR C 254 -3.72 -16.95 22.95
C THR C 254 -3.03 -18.05 22.14
N VAL C 255 -3.13 -19.33 22.55
CA VAL C 255 -2.61 -20.45 21.75
C VAL C 255 -3.73 -21.22 21.03
N ASN C 256 -3.45 -21.79 19.86
CA ASN C 256 -4.37 -22.69 19.21
C ASN C 256 -4.28 -24.11 19.84
N GLU C 257 -5.05 -25.07 19.32
CA GLU C 257 -5.01 -26.49 19.81
C GLU C 257 -3.63 -27.16 19.69
N ALA C 258 -2.79 -26.63 18.79
CA ALA C 258 -1.46 -27.14 18.58
C ALA C 258 -0.47 -26.36 19.43
N GLY C 259 -0.98 -25.52 20.33
CA GLY C 259 -0.10 -24.86 21.29
C GLY C 259 0.66 -23.64 20.80
N GLU C 260 0.24 -23.04 19.68
CA GLU C 260 1.02 -21.94 19.08
C GLU C 260 0.30 -20.60 19.17
N THR C 261 1.06 -19.58 19.52
CA THR C 261 0.56 -18.22 19.39
C THR C 261 0.68 -17.73 17.92
N ALA C 262 0.04 -16.59 17.65
CA ALA C 262 0.13 -15.95 16.37
C ALA C 262 1.59 -15.59 16.05
N LEU C 263 2.30 -15.05 17.04
CA LEU C 263 3.75 -14.80 16.94
C LEU C 263 4.49 -16.09 16.54
N ASP C 264 4.27 -17.17 17.28
CA ASP C 264 4.81 -18.46 16.86
C ASP C 264 4.55 -18.78 15.41
N ILE C 265 3.38 -18.43 14.90
CA ILE C 265 3.03 -18.78 13.52
C ILE C 265 3.81 -17.90 12.54
N ALA C 266 3.94 -16.62 12.88
CA ALA C 266 4.66 -15.65 12.08
C ALA C 266 6.13 -16.07 11.92
N ARG C 267 6.77 -16.48 13.04
CA ARG C 267 8.16 -16.99 13.00
C ARG C 267 8.32 -18.25 12.13
N LYS C 268 7.53 -19.30 12.41
CA LYS C 268 7.60 -20.56 11.70
C LYS C 268 7.43 -20.41 10.18
N LYS C 269 6.74 -19.36 9.78
CA LYS C 269 6.42 -19.17 8.38
C LYS C 269 7.33 -18.13 7.75
N HIS C 270 8.09 -17.42 8.58
CA HIS C 270 9.00 -16.38 8.12
C HIS C 270 8.24 -15.18 7.52
N HIS C 271 7.21 -14.78 8.26
CA HIS C 271 6.44 -13.58 7.96
C HIS C 271 6.99 -12.45 8.79
N LYS C 272 7.98 -11.79 8.20
CA LYS C 272 8.78 -10.80 8.86
C LYS C 272 7.97 -9.67 9.50
N GLU C 273 7.21 -8.93 8.69
CA GLU C 273 6.46 -7.78 9.22
C GLU C 273 5.44 -8.27 10.25
N CYS C 274 4.82 -9.42 10.03
CA CYS C 274 3.87 -9.98 11.03
C CYS C 274 4.54 -10.25 12.39
N GLU C 275 5.64 -11.00 12.38
CA GLU C 275 6.49 -11.18 13.55
C GLU C 275 6.78 -9.87 14.29
N GLU C 276 7.38 -8.88 13.60
CA GLU C 276 7.66 -7.57 14.25
C GLU C 276 6.42 -6.97 14.91
N LEU C 277 5.27 -7.09 14.25
CA LEU C 277 4.04 -6.47 14.71
C LEU C 277 3.52 -7.14 15.97
N LEU C 278 3.62 -8.46 16.01
CA LEU C 278 3.16 -9.25 17.14
C LEU C 278 4.14 -9.25 18.33
N GLU C 279 5.43 -9.02 18.04
CA GLU C 279 6.44 -8.78 19.08
C GLU C 279 6.17 -7.46 19.78
N GLN C 280 5.95 -6.39 19.01
CA GLN C 280 5.57 -5.06 19.57
C GLN C 280 4.28 -5.14 20.38
N ALA C 281 3.34 -5.94 19.90
CA ALA C 281 2.04 -6.10 20.56
C ALA C 281 2.26 -6.88 21.84
N GLN C 282 3.08 -7.93 21.76
CA GLN C 282 3.43 -8.75 22.91
C GLN C 282 4.25 -8.02 23.96
N ALA C 283 5.14 -7.13 23.54
CA ALA C 283 5.84 -6.24 24.46
C ALA C 283 4.88 -5.26 25.12
N GLY C 284 4.16 -4.48 24.30
CA GLY C 284 3.17 -3.49 24.75
C GLY C 284 2.39 -3.96 25.97
N THR C 285 1.70 -5.09 25.82
CA THR C 285 1.01 -5.79 26.91
C THR C 285 1.77 -5.67 28.24
N LEU D 28 6.84 -13.55 38.54
CA LEU D 28 5.95 -12.40 38.86
C LEU D 28 4.55 -12.67 38.32
N THR D 29 4.48 -13.12 37.06
CA THR D 29 3.22 -13.53 36.46
C THR D 29 2.72 -14.86 37.05
N LYS D 30 3.65 -15.80 37.26
CA LYS D 30 3.29 -17.04 37.95
C LYS D 30 2.85 -16.76 39.40
N LEU D 31 3.52 -15.80 40.04
CA LEU D 31 3.12 -15.36 41.37
C LEU D 31 1.69 -14.83 41.35
N LEU D 32 1.42 -13.94 40.40
CA LEU D 32 0.09 -13.35 40.26
C LEU D 32 -0.98 -14.42 40.01
N ILE D 33 -0.72 -15.30 39.04
CA ILE D 33 -1.62 -16.41 38.72
C ILE D 33 -1.90 -17.35 39.91
N ALA D 34 -0.88 -17.63 40.74
CA ALA D 34 -1.07 -18.38 41.97
C ALA D 34 -1.98 -17.60 42.89
N GLU D 35 -1.77 -16.30 42.96
CA GLU D 35 -2.60 -15.46 43.81
C GLU D 35 -4.06 -15.39 43.33
N VAL D 36 -4.27 -15.19 42.04
CA VAL D 36 -5.61 -15.20 41.48
C VAL D 36 -6.32 -16.49 41.89
N LYS D 37 -5.66 -17.62 41.66
CA LYS D 37 -6.26 -18.93 41.89
C LYS D 37 -6.63 -19.19 43.36
N SER D 38 -6.05 -18.42 44.28
CA SER D 38 -6.42 -18.51 45.70
C SER D 38 -7.51 -17.49 46.15
N ARG D 39 -7.81 -16.48 45.32
CA ARG D 39 -8.91 -15.53 45.59
C ARG D 39 -10.17 -16.28 46.01
N PRO D 40 -10.98 -15.67 46.91
CA PRO D 40 -12.19 -16.32 47.43
C PRO D 40 -13.13 -16.81 46.30
N GLY D 41 -13.46 -18.11 46.36
CA GLY D 41 -14.40 -18.77 45.44
C GLY D 41 -13.75 -19.33 44.19
N ASN D 42 -12.45 -19.06 44.03
CA ASN D 42 -11.77 -19.33 42.76
C ASN D 42 -11.38 -20.77 42.52
N SER D 43 -11.58 -21.62 43.51
CA SER D 43 -11.30 -23.04 43.35
C SER D 43 -12.57 -23.75 42.86
N GLN D 44 -13.66 -23.00 42.68
CA GLN D 44 -14.86 -23.52 42.01
C GLN D 44 -15.29 -22.65 40.82
N CYS D 45 -15.79 -23.26 39.74
CA CYS D 45 -16.20 -22.48 38.57
C CYS D 45 -17.29 -21.46 38.95
N CYS D 46 -17.10 -20.20 38.52
CA CYS D 46 -18.05 -19.09 38.80
C CYS D 46 -19.50 -19.46 38.47
N ASP D 47 -19.70 -20.18 37.36
CA ASP D 47 -21.06 -20.44 36.84
C ASP D 47 -21.70 -21.80 37.11
N CYS D 48 -20.91 -22.85 37.29
CA CYS D 48 -21.49 -24.19 37.54
C CYS D 48 -20.88 -24.93 38.73
N GLY D 49 -19.91 -24.30 39.40
CA GLY D 49 -19.26 -24.87 40.57
C GLY D 49 -18.23 -25.96 40.29
N ALA D 50 -17.92 -26.29 39.02
CA ALA D 50 -16.91 -27.33 38.73
C ALA D 50 -15.58 -27.03 39.41
N ALA D 51 -14.93 -28.10 39.89
CA ALA D 51 -13.71 -27.99 40.65
C ALA D 51 -12.58 -27.43 39.80
N ASP D 52 -11.77 -26.53 40.38
CA ASP D 52 -10.54 -25.99 39.76
C ASP D 52 -10.68 -25.31 38.39
N PRO D 53 -11.48 -24.21 38.30
CA PRO D 53 -11.65 -23.47 37.03
C PRO D 53 -10.33 -22.80 36.64
N THR D 54 -9.99 -22.80 35.36
CA THR D 54 -8.72 -22.22 34.92
C THR D 54 -8.90 -21.24 33.75
N TRP D 55 -10.14 -20.96 33.38
CA TRP D 55 -10.36 -19.98 32.32
C TRP D 55 -10.77 -18.64 32.92
N LEU D 56 -9.98 -17.63 32.63
CA LEU D 56 -10.22 -16.29 33.15
C LEU D 56 -11.01 -15.42 32.19
N SER D 57 -12.13 -14.84 32.68
CA SER D 57 -12.83 -13.72 32.00
C SER D 57 -12.13 -12.44 32.39
N THR D 58 -11.30 -11.92 31.47
CA THR D 58 -10.38 -10.86 31.83
C THR D 58 -11.08 -9.53 32.09
N ASN D 59 -12.25 -9.31 31.49
CA ASN D 59 -12.96 -8.05 31.68
C ASN D 59 -13.80 -8.10 32.94
N LEU D 60 -13.98 -9.29 33.50
CA LEU D 60 -14.83 -9.48 34.69
C LEU D 60 -14.07 -9.91 35.93
N GLY D 61 -12.96 -10.63 35.77
CA GLY D 61 -12.13 -11.08 36.92
C GLY D 61 -12.64 -12.37 37.59
N VAL D 62 -13.20 -13.21 36.77
CA VAL D 62 -13.91 -14.40 37.21
C VAL D 62 -13.32 -15.65 36.48
N LEU D 63 -13.34 -16.80 37.16
CA LEU D 63 -12.81 -18.08 36.64
C LEU D 63 -13.87 -19.14 36.40
N THR D 64 -13.84 -19.71 35.19
CA THR D 64 -14.73 -20.77 34.78
C THR D 64 -14.02 -22.07 34.33
N CYS D 65 -14.79 -23.15 34.23
CA CYS D 65 -14.37 -24.43 33.66
C CYS D 65 -14.51 -24.34 32.15
N ILE D 66 -14.15 -25.40 31.43
CA ILE D 66 -14.07 -25.33 29.97
C ILE D 66 -15.44 -25.23 29.28
N GLN D 67 -16.43 -25.91 29.81
CA GLN D 67 -17.74 -25.88 29.19
C GLN D 67 -18.35 -24.49 29.33
N CYS D 68 -18.14 -23.86 30.48
CA CYS D 68 -18.68 -22.53 30.78
C CYS D 68 -17.89 -21.44 29.99
N SER D 69 -16.57 -21.60 29.88
CA SER D 69 -15.73 -20.67 29.07
C SER D 69 -16.17 -20.62 27.62
N GLY D 70 -16.58 -21.76 27.08
CA GLY D 70 -17.05 -21.83 25.70
C GLY D 70 -18.29 -20.98 25.55
N VAL D 71 -19.20 -21.03 26.51
CA VAL D 71 -20.43 -20.22 26.43
C VAL D 71 -20.05 -18.74 26.51
N HIS D 72 -19.17 -18.43 27.45
CA HIS D 72 -18.71 -17.09 27.63
C HIS D 72 -18.13 -16.57 26.32
N ARG D 73 -17.27 -17.36 25.69
CA ARG D 73 -16.60 -16.93 24.45
C ARG D 73 -17.66 -16.51 23.44
N GLU D 74 -18.68 -17.33 23.34
CA GLU D 74 -19.74 -17.17 22.34
C GLU D 74 -20.71 -16.03 22.61
N LEU D 75 -20.73 -15.48 23.83
CA LEU D 75 -21.47 -14.24 24.09
C LEU D 75 -20.85 -13.07 23.32
N GLY D 76 -19.54 -13.16 23.03
CA GLY D 76 -18.82 -12.09 22.32
C GLY D 76 -18.06 -11.14 23.22
N VAL D 77 -17.20 -10.31 22.63
CA VAL D 77 -16.25 -9.54 23.41
C VAL D 77 -16.89 -8.47 24.33
N ARG D 78 -18.09 -8.02 23.98
CA ARG D 78 -18.84 -7.06 24.81
C ARG D 78 -19.07 -7.57 26.26
N PHE D 79 -19.32 -8.88 26.34
CA PHE D 79 -19.70 -9.58 27.58
C PHE D 79 -18.54 -10.23 28.31
N SER D 80 -17.70 -10.95 27.57
CA SER D 80 -16.66 -11.73 28.22
C SER D 80 -15.53 -12.09 27.24
N ARG D 81 -14.30 -11.96 27.73
CA ARG D 81 -13.11 -12.28 26.96
C ARG D 81 -12.27 -13.31 27.71
N MET D 82 -12.31 -14.55 27.23
CA MET D 82 -11.77 -15.75 27.92
C MET D 82 -10.34 -16.03 27.54
N GLN D 83 -9.50 -16.20 28.55
CA GLN D 83 -8.13 -16.65 28.40
C GLN D 83 -7.80 -17.73 29.43
N SER D 84 -6.97 -18.69 29.01
CA SER D 84 -6.55 -19.80 29.84
C SER D 84 -5.45 -19.38 30.77
N LEU D 85 -5.76 -19.45 32.05
CA LEU D 85 -4.78 -19.23 33.08
C LEU D 85 -3.51 -20.10 32.88
N THR D 86 -3.67 -21.30 32.31
CA THR D 86 -2.56 -22.24 32.19
C THR D 86 -1.93 -22.36 30.77
N LEU D 87 -2.72 -22.15 29.71
CA LEU D 87 -2.24 -22.27 28.35
C LEU D 87 -1.89 -20.96 27.63
N ASP D 88 -2.56 -19.85 27.98
CA ASP D 88 -2.36 -18.59 27.25
C ASP D 88 -1.32 -17.72 27.91
N LEU D 89 -0.69 -16.88 27.10
CA LEU D 89 0.29 -15.92 27.58
C LEU D 89 -0.49 -14.75 28.11
N LEU D 90 -0.46 -14.58 29.44
CA LEU D 90 -1.11 -13.45 30.11
C LEU D 90 -0.08 -12.54 30.75
N GLY D 91 -0.30 -11.23 30.69
CA GLY D 91 0.51 -10.33 31.50
C GLY D 91 -0.24 -9.67 32.64
N PRO D 92 0.50 -9.02 33.57
CA PRO D 92 0.03 -8.06 34.57
C PRO D 92 -1.15 -7.21 34.10
N SER D 93 -1.10 -6.81 32.83
CA SER D 93 -2.21 -6.21 32.10
C SER D 93 -3.50 -6.98 32.38
N GLU D 94 -3.60 -8.13 31.73
CA GLU D 94 -4.78 -8.96 31.73
C GLU D 94 -5.31 -9.45 33.11
N LEU D 95 -4.54 -9.23 34.18
CA LEU D 95 -4.83 -9.82 35.51
C LEU D 95 -5.21 -8.79 36.56
N LEU D 96 -5.47 -7.55 36.12
CA LEU D 96 -5.86 -6.48 37.03
C LEU D 96 -7.17 -6.81 37.81
N LEU D 97 -8.26 -6.90 37.06
CA LEU D 97 -9.55 -7.19 37.63
C LEU D 97 -9.53 -8.46 38.49
N ALA D 98 -8.92 -9.52 37.97
CA ALA D 98 -8.98 -10.86 38.54
C ALA D 98 -8.54 -10.89 40.01
N LEU D 99 -7.40 -10.25 40.26
CA LEU D 99 -6.82 -10.06 41.57
C LEU D 99 -7.71 -9.26 42.51
N ASN D 100 -8.61 -8.46 41.95
CA ASN D 100 -9.48 -7.62 42.74
C ASN D 100 -10.96 -8.04 42.78
N MET D 101 -11.31 -9.04 41.99
CA MET D 101 -12.68 -9.55 41.96
C MET D 101 -12.65 -10.95 42.59
N GLY D 102 -12.83 -11.99 41.79
CA GLY D 102 -12.96 -13.32 42.35
C GLY D 102 -14.38 -13.78 42.24
N ASN D 103 -14.55 -15.09 42.25
CA ASN D 103 -15.85 -15.64 42.01
C ASN D 103 -16.82 -15.28 43.12
N THR D 104 -16.32 -15.25 44.35
CA THR D 104 -17.21 -15.09 45.48
C THR D 104 -17.78 -13.67 45.50
N SER D 105 -16.90 -12.68 45.47
CA SER D 105 -17.32 -11.26 45.35
C SER D 105 -18.26 -11.05 44.17
N PHE D 106 -17.84 -11.46 42.97
CA PHE D 106 -18.68 -11.35 41.80
C PHE D 106 -20.09 -11.93 42.03
N ASN D 107 -20.15 -13.21 42.44
CA ASN D 107 -21.44 -13.90 42.60
C ASN D 107 -22.30 -13.29 43.71
N GLU D 108 -21.64 -12.73 44.72
CA GLU D 108 -22.39 -12.06 45.79
C GLU D 108 -23.29 -10.99 45.15
N VAL D 109 -22.82 -10.38 44.07
CA VAL D 109 -23.63 -9.39 43.36
C VAL D 109 -24.49 -10.06 42.29
N MET D 110 -23.85 -10.91 41.48
CA MET D 110 -24.43 -11.33 40.21
C MET D 110 -25.39 -12.51 40.35
N GLU D 111 -25.35 -13.16 41.51
CA GLU D 111 -26.27 -14.24 41.82
C GLU D 111 -27.06 -13.94 43.10
N ALA D 112 -26.99 -12.68 43.55
CA ALA D 112 -27.80 -12.17 44.65
C ALA D 112 -29.20 -12.78 44.74
N GLN D 113 -29.98 -12.74 43.66
CA GLN D 113 -31.32 -13.30 43.77
C GLN D 113 -31.59 -14.57 42.97
N LEU D 114 -30.71 -15.54 43.19
CA LEU D 114 -30.81 -16.93 42.71
C LEU D 114 -31.20 -17.85 43.89
N PRO D 115 -32.30 -18.66 43.76
CA PRO D 115 -32.66 -19.55 44.88
C PRO D 115 -31.79 -20.84 44.99
N SER D 116 -32.27 -21.90 45.67
CA SER D 116 -31.39 -23.07 45.89
C SER D 116 -31.64 -24.40 45.10
N HIS D 117 -32.89 -24.84 44.94
CA HIS D 117 -33.12 -26.17 44.31
C HIS D 117 -33.94 -26.18 43.00
N GLY D 118 -35.01 -25.40 42.95
CA GLY D 118 -35.73 -25.18 41.69
C GLY D 118 -34.85 -24.34 40.76
N GLY D 119 -33.74 -23.83 41.31
CA GLY D 119 -32.84 -22.90 40.65
C GLY D 119 -32.23 -23.39 39.36
N PRO D 120 -32.06 -22.49 38.38
CA PRO D 120 -31.50 -22.84 37.07
C PRO D 120 -29.96 -22.95 37.00
N LYS D 121 -29.25 -22.68 38.11
CA LYS D 121 -27.78 -22.77 38.08
C LYS D 121 -27.29 -24.19 37.84
N PRO D 122 -26.50 -24.38 36.75
CA PRO D 122 -25.96 -25.67 36.37
C PRO D 122 -24.96 -26.21 37.38
N SER D 123 -24.77 -27.51 37.34
CA SER D 123 -23.73 -28.17 38.11
C SER D 123 -22.67 -28.55 37.07
N ALA D 124 -21.57 -29.15 37.51
CA ALA D 124 -20.43 -29.42 36.61
C ALA D 124 -20.83 -30.23 35.38
N GLU D 125 -21.85 -31.08 35.53
CA GLU D 125 -22.29 -31.99 34.48
C GLU D 125 -23.68 -31.71 33.84
N SER D 126 -24.25 -30.52 34.09
CA SER D 126 -25.51 -30.13 33.43
C SER D 126 -25.36 -30.15 31.89
N ASP D 127 -26.48 -30.30 31.18
CA ASP D 127 -26.43 -30.22 29.70
C ASP D 127 -26.14 -28.78 29.20
N MET D 128 -25.80 -28.65 27.92
CA MET D 128 -25.52 -27.36 27.26
C MET D 128 -26.68 -26.37 27.18
N GLY D 129 -27.90 -26.86 27.06
CA GLY D 129 -29.07 -25.96 26.99
C GLY D 129 -29.28 -25.25 28.32
N THR D 130 -29.27 -26.03 29.39
CA THR D 130 -29.33 -25.54 30.76
C THR D 130 -28.25 -24.51 31.04
N ARG D 131 -27.03 -24.88 30.66
CA ARG D 131 -25.83 -24.09 30.86
C ARG D 131 -25.81 -22.78 30.06
N ARG D 132 -26.10 -22.89 28.76
CA ARG D 132 -26.18 -21.73 27.86
C ARG D 132 -27.28 -20.78 28.36
N ASP D 133 -28.48 -21.30 28.66
CA ASP D 133 -29.57 -20.49 29.22
C ASP D 133 -29.23 -19.76 30.50
N TYR D 134 -28.49 -20.40 31.41
CA TYR D 134 -28.11 -19.77 32.67
C TYR D 134 -27.12 -18.63 32.46
N ILE D 135 -26.14 -18.86 31.58
CA ILE D 135 -25.07 -17.90 31.41
C ILE D 135 -25.59 -16.65 30.68
N MET D 136 -26.47 -16.85 29.70
CA MET D 136 -27.20 -15.75 29.06
C MET D 136 -28.03 -14.95 30.04
N ALA D 137 -28.77 -15.65 30.91
CA ALA D 137 -29.55 -15.00 31.94
C ALA D 137 -28.69 -14.23 32.92
N LYS D 138 -27.56 -14.85 33.33
CA LYS D 138 -26.72 -14.28 34.37
C LYS D 138 -25.95 -13.06 33.84
N TYR D 139 -25.37 -13.18 32.66
CA TYR D 139 -24.46 -12.13 32.18
C TYR D 139 -25.06 -11.13 31.22
N VAL D 140 -26.06 -11.54 30.46
CA VAL D 140 -26.58 -10.68 29.41
C VAL D 140 -27.85 -10.08 29.95
N GLU D 141 -28.70 -10.92 30.50
CA GLU D 141 -29.94 -10.43 31.12
C GLU D 141 -29.73 -9.82 32.50
N HIS D 142 -28.63 -10.16 33.18
CA HIS D 142 -28.44 -9.79 34.59
C HIS D 142 -29.71 -10.21 35.43
N ARG D 143 -30.29 -11.37 35.10
CA ARG D 143 -31.55 -11.84 35.73
C ARG D 143 -31.45 -12.08 37.24
N PHE D 144 -30.26 -12.42 37.73
CA PHE D 144 -30.07 -12.87 39.09
C PHE D 144 -29.36 -11.89 40.01
N ALA D 145 -29.25 -10.64 39.59
CA ALA D 145 -28.38 -9.69 40.27
C ALA D 145 -29.08 -8.84 41.32
N ARG D 146 -28.32 -8.42 42.34
CA ARG D 146 -28.80 -7.56 43.47
C ARG D 146 -30.06 -6.66 43.28
N ARG D 147 -29.94 -5.48 42.66
CA ARG D 147 -31.08 -4.49 42.55
C ARG D 147 -31.19 -3.42 43.66
N GLU D 151 -29.69 7.21 44.27
CA GLU D 151 -28.85 6.20 43.61
C GLU D 151 -27.55 6.79 43.05
N PRO D 152 -27.61 7.82 42.16
CA PRO D 152 -26.34 8.38 41.65
C PRO D 152 -25.33 8.90 42.71
N GLN D 153 -25.85 9.32 43.88
CA GLN D 153 -25.02 9.71 45.02
C GLN D 153 -24.19 8.56 45.58
N ARG D 154 -24.81 7.40 45.71
CA ARG D 154 -24.09 6.25 46.23
C ARG D 154 -23.04 5.73 45.24
N LEU D 155 -23.28 5.90 43.94
CA LEU D 155 -22.27 5.57 42.92
C LEU D 155 -21.11 6.55 42.96
N TRP D 156 -21.43 7.84 43.09
CA TRP D 156 -20.36 8.84 43.24
C TRP D 156 -19.43 8.43 44.40
N THR D 157 -20.03 8.08 45.53
CA THR D 157 -19.31 7.71 46.75
C THR D 157 -18.53 6.43 46.55
N ALA D 158 -19.16 5.45 45.93
CA ALA D 158 -18.50 4.18 45.70
C ALA D 158 -17.25 4.39 44.85
N ILE D 159 -17.36 5.25 43.84
CA ILE D 159 -16.20 5.53 43.01
C ILE D 159 -15.08 6.23 43.79
N CYS D 160 -15.42 7.24 44.59
CA CYS D 160 -14.40 7.94 45.37
C CYS D 160 -13.77 7.03 46.42
N ASN D 161 -14.58 6.10 46.91
CA ASN D 161 -14.11 5.05 47.86
C ASN D 161 -13.45 3.85 47.20
N ARG D 162 -13.16 3.94 45.88
CA ARG D 162 -12.83 2.80 45.04
C ARG D 162 -13.54 1.49 45.40
N ASP D 163 -14.84 1.57 45.53
CA ASP D 163 -15.65 0.41 45.88
C ASP D 163 -16.05 -0.34 44.62
N LEU D 164 -15.18 -1.24 44.16
CA LEU D 164 -15.40 -1.97 42.92
C LEU D 164 -16.71 -2.74 42.89
N LEU D 165 -17.08 -3.35 44.02
CA LEU D 165 -18.32 -4.15 44.08
C LEU D 165 -19.62 -3.37 43.91
N SER D 166 -19.64 -2.13 44.42
CA SER D 166 -20.78 -1.25 44.25
C SER D 166 -20.87 -0.74 42.80
N VAL D 167 -19.71 -0.59 42.16
CA VAL D 167 -19.66 -0.30 40.72
C VAL D 167 -20.17 -1.51 39.93
N LEU D 168 -19.78 -2.73 40.32
CA LEU D 168 -20.33 -3.93 39.64
C LEU D 168 -21.85 -3.98 39.81
N GLU D 169 -22.31 -3.63 41.01
CA GLU D 169 -23.73 -3.61 41.31
C GLU D 169 -24.53 -2.68 40.43
N ALA D 170 -24.05 -1.45 40.26
CA ALA D 170 -24.71 -0.49 39.37
C ALA D 170 -24.73 -1.00 37.92
N PHE D 171 -23.62 -1.58 37.49
CA PHE D 171 -23.53 -2.21 36.15
C PHE D 171 -24.63 -3.28 35.98
N ALA D 172 -24.74 -4.13 37.00
CA ALA D 172 -25.70 -5.23 37.05
C ALA D 172 -27.16 -4.73 37.10
N ASN D 173 -27.36 -3.47 37.48
CA ASN D 173 -28.69 -2.85 37.46
C ASN D 173 -28.99 -1.95 36.30
N GLY D 174 -28.34 -2.14 35.16
CA GLY D 174 -28.69 -1.38 33.97
C GLY D 174 -28.24 0.07 33.98
N GLN D 175 -27.26 0.40 34.82
CA GLN D 175 -26.82 1.80 34.87
C GLN D 175 -26.19 2.29 33.60
N ASP D 176 -26.56 3.52 33.23
CA ASP D 176 -26.13 4.12 31.99
C ASP D 176 -24.94 5.01 32.30
N PHE D 177 -23.75 4.43 32.15
CA PHE D 177 -22.50 5.11 32.43
C PHE D 177 -22.30 6.26 31.47
N GLY D 178 -23.30 6.53 30.62
CA GLY D 178 -23.27 7.63 29.65
C GLY D 178 -23.93 8.92 30.13
N GLN D 179 -24.57 8.83 31.30
CA GLN D 179 -25.28 9.95 31.92
C GLN D 179 -24.64 10.39 33.23
N PRO D 180 -24.49 11.71 33.43
CA PRO D 180 -23.64 12.19 34.53
C PRO D 180 -24.26 11.93 35.90
N LEU D 181 -23.41 11.95 36.93
CA LEU D 181 -23.81 11.76 38.31
C LEU D 181 -23.62 13.06 39.08
N PRO D 182 -24.72 13.65 39.55
CA PRO D 182 -24.60 14.72 40.58
C PRO D 182 -23.90 14.16 41.82
N GLY D 183 -22.99 14.92 42.39
CA GLY D 183 -22.21 14.48 43.54
C GLY D 183 -22.20 15.49 44.68
N GLU D 190 -21.43 18.12 38.38
CA GLU D 190 -21.83 16.82 37.80
C GLU D 190 -20.71 16.16 36.98
N GLU D 191 -20.61 14.85 37.06
CA GLU D 191 -19.54 14.20 36.34
C GLU D 191 -19.93 12.81 35.85
N LEU D 192 -19.45 12.46 34.65
CA LEU D 192 -19.64 11.13 34.11
C LEU D 192 -18.86 10.13 34.97
N VAL D 193 -19.42 8.93 35.14
CA VAL D 193 -18.83 7.84 35.90
C VAL D 193 -17.37 7.60 35.56
N LEU D 194 -17.05 7.31 34.29
CA LEU D 194 -15.63 7.10 33.93
C LEU D 194 -14.74 8.35 34.13
N HIS D 195 -15.23 9.52 33.74
CA HIS D 195 -14.54 10.80 34.06
C HIS D 195 -14.18 10.92 35.55
N LEU D 196 -15.15 10.71 36.43
CA LEU D 196 -14.93 10.74 37.89
C LEU D 196 -13.86 9.75 38.34
N ALA D 197 -13.99 8.51 37.87
CA ALA D 197 -13.06 7.43 38.22
C ALA D 197 -11.63 7.73 37.77
N VAL D 198 -11.50 8.36 36.60
CA VAL D 198 -10.18 8.77 36.07
C VAL D 198 -9.62 10.00 36.90
N LYS D 199 -10.44 11.00 37.14
CA LYS D 199 -10.04 12.14 37.93
C LYS D 199 -9.48 11.73 39.29
N VAL D 200 -10.15 10.83 40.01
CA VAL D 200 -9.76 10.52 41.38
C VAL D 200 -8.86 9.32 41.47
N ALA D 201 -8.47 8.76 40.31
CA ALA D 201 -7.65 7.54 40.24
C ALA D 201 -6.30 7.56 40.97
N ASN D 202 -5.98 6.40 41.55
CA ASN D 202 -4.63 6.06 41.93
C ASN D 202 -4.34 4.61 41.64
N GLN D 203 -3.18 4.14 42.07
CA GLN D 203 -2.72 2.80 41.69
C GLN D 203 -3.70 1.72 42.17
N ALA D 204 -4.19 1.88 43.40
CA ALA D 204 -5.14 0.92 43.94
C ALA D 204 -6.47 0.91 43.18
N SER D 205 -6.83 2.04 42.55
CA SER D 205 -8.17 2.17 41.93
C SER D 205 -8.20 1.81 40.46
N LEU D 206 -7.06 1.41 39.93
CA LEU D 206 -6.93 1.12 38.51
C LEU D 206 -7.83 -0.04 38.05
N PRO D 207 -7.97 -1.11 38.86
CA PRO D 207 -8.95 -2.14 38.43
C PRO D 207 -10.38 -1.61 38.28
N LEU D 208 -10.76 -0.60 39.05
CA LEU D 208 -12.09 0.00 38.91
C LEU D 208 -12.24 0.73 37.58
N VAL D 209 -11.23 1.53 37.27
CA VAL D 209 -11.15 2.27 36.02
C VAL D 209 -11.25 1.28 34.87
N ASP D 210 -10.41 0.22 34.91
CA ASP D 210 -10.36 -0.85 33.88
C ASP D 210 -11.74 -1.52 33.75
N PHE D 211 -12.35 -1.87 34.87
CA PHE D 211 -13.69 -2.48 34.84
C PHE D 211 -14.67 -1.60 34.05
N ILE D 212 -14.60 -0.28 34.30
CA ILE D 212 -15.56 0.68 33.67
C ILE D 212 -15.28 0.81 32.16
N ILE D 213 -14.01 0.88 31.81
CA ILE D 213 -13.62 0.99 30.40
C ILE D 213 -14.06 -0.26 29.62
N GLN D 214 -13.80 -1.42 30.19
CA GLN D 214 -14.11 -2.66 29.51
C GLN D 214 -15.59 -3.03 29.51
N ASN D 215 -16.39 -2.52 30.45
CA ASN D 215 -17.80 -2.94 30.58
C ASN D 215 -18.87 -1.85 30.50
N GLY D 216 -18.49 -0.62 30.77
CA GLY D 216 -19.38 0.55 30.64
C GLY D 216 -19.83 0.79 29.19
N GLY D 217 -20.99 1.38 28.95
CA GLY D 217 -21.25 1.51 27.50
C GLY D 217 -20.63 2.72 26.80
N HIS D 218 -19.81 3.52 27.49
CA HIS D 218 -19.78 4.94 27.14
C HIS D 218 -18.37 5.61 27.17
N LEU D 219 -17.38 4.86 26.68
CA LEU D 219 -16.00 5.34 26.62
C LEU D 219 -15.82 6.73 25.96
N ASP D 220 -16.65 7.04 24.95
CA ASP D 220 -16.50 8.26 24.19
C ASP D 220 -17.43 9.40 24.69
N ALA D 221 -18.14 9.17 25.78
CA ALA D 221 -18.95 10.23 26.40
C ALA D 221 -18.13 11.53 26.63
N LYS D 222 -18.78 12.67 26.39
CA LYS D 222 -18.17 13.99 26.55
C LYS D 222 -18.65 14.80 27.76
N ALA D 223 -19.90 15.09 27.93
CA ALA D 223 -19.91 16.15 29.00
C ALA D 223 -19.55 17.58 28.51
N ALA D 224 -19.85 18.55 29.37
CA ALA D 224 -20.33 19.85 28.87
C ALA D 224 -19.26 20.66 28.15
N ASP D 225 -18.03 20.63 28.69
CA ASP D 225 -16.88 21.28 28.04
C ASP D 225 -16.25 20.45 26.89
N GLY D 226 -16.84 19.29 26.56
CA GLY D 226 -16.40 18.43 25.44
C GLY D 226 -15.24 17.51 25.78
N ASN D 227 -14.73 17.61 27.00
CA ASN D 227 -13.65 16.72 27.42
C ASN D 227 -14.17 15.29 27.55
N THR D 228 -13.42 14.35 26.97
CA THR D 228 -13.66 12.92 27.13
C THR D 228 -12.85 12.42 28.31
N ALA D 229 -13.05 11.15 28.69
CA ALA D 229 -12.21 10.53 29.70
C ALA D 229 -10.73 10.57 29.36
N LEU D 230 -10.41 10.47 28.05
CA LEU D 230 -9.00 10.59 27.61
C LEU D 230 -8.45 12.00 27.96
N HIS D 231 -9.21 13.05 27.63
CA HIS D 231 -8.84 14.42 28.05
C HIS D 231 -8.64 14.54 29.56
N TYR D 232 -9.55 13.95 30.34
CA TYR D 232 -9.37 13.95 31.81
C TYR D 232 -8.07 13.27 32.24
N ALA D 233 -7.71 12.14 31.62
CA ALA D 233 -6.45 11.47 31.99
C ALA D 233 -5.19 12.38 31.78
N ALA D 234 -5.23 13.18 30.71
CA ALA D 234 -4.15 14.12 30.41
C ALA D 234 -4.25 15.32 31.34
N LEU D 235 -5.47 15.80 31.59
CA LEU D 235 -5.70 16.96 32.43
C LEU D 235 -5.21 16.69 33.86
N TYR D 236 -5.51 15.49 34.37
CA TYR D 236 -5.19 15.18 35.76
C TYR D 236 -3.90 14.38 35.91
N ASN D 237 -3.13 14.25 34.82
CA ASN D 237 -1.86 13.53 34.88
C ASN D 237 -2.00 12.12 35.44
N GLN D 238 -2.79 11.33 34.71
CA GLN D 238 -3.07 9.95 35.06
C GLN D 238 -2.56 9.05 33.94
N PRO D 239 -1.21 8.85 33.85
CA PRO D 239 -0.71 8.02 32.72
C PRO D 239 -1.16 6.58 32.74
N ASP D 240 -1.42 6.00 33.91
CA ASP D 240 -1.83 4.60 33.93
C ASP D 240 -3.29 4.51 33.40
N CYS D 241 -4.10 5.51 33.72
CA CYS D 241 -5.49 5.58 33.24
C CYS D 241 -5.47 5.70 31.74
N LEU D 242 -4.57 6.55 31.25
CA LEU D 242 -4.35 6.77 29.86
C LEU D 242 -3.98 5.47 29.16
N LYS D 243 -3.04 4.69 29.73
CA LYS D 243 -2.76 3.35 29.15
C LYS D 243 -4.04 2.46 29.08
N LEU D 244 -4.86 2.48 30.12
CA LEU D 244 -6.07 1.64 30.15
C LEU D 244 -7.08 2.10 29.10
N LEU D 245 -7.18 3.41 28.93
CA LEU D 245 -8.14 4.03 28.03
C LEU D 245 -7.71 3.76 26.57
N LEU D 246 -6.41 3.91 26.30
CA LEU D 246 -5.83 3.60 24.99
C LEU D 246 -5.97 2.09 24.68
N LYS D 247 -5.67 1.24 25.65
CA LYS D 247 -6.00 -0.21 25.53
C LYS D 247 -7.49 -0.46 25.24
N GLY D 248 -8.38 0.25 25.94
CA GLY D 248 -9.85 0.20 25.67
C GLY D 248 -10.33 0.82 24.37
N ARG D 249 -9.41 1.32 23.55
CA ARG D 249 -9.70 1.83 22.20
C ARG D 249 -10.27 3.25 22.18
N ALA D 250 -9.96 4.05 23.22
CA ALA D 250 -10.32 5.50 23.25
C ALA D 250 -9.91 6.17 21.94
N LEU D 251 -10.72 7.10 21.41
CA LEU D 251 -10.36 7.81 20.18
C LEU D 251 -9.38 8.97 20.44
N VAL D 252 -8.22 8.90 19.83
CA VAL D 252 -7.14 9.81 20.15
C VAL D 252 -7.32 11.22 19.60
N GLY D 253 -7.99 11.39 18.46
CA GLY D 253 -7.98 12.72 17.84
C GLY D 253 -9.09 13.71 18.17
N THR D 254 -9.99 13.32 19.08
CA THR D 254 -11.15 14.14 19.48
C THR D 254 -10.77 15.44 20.20
N VAL D 255 -11.35 16.55 19.76
CA VAL D 255 -11.20 17.83 20.50
C VAL D 255 -12.33 18.13 21.46
N ASN D 256 -12.00 18.96 22.45
CA ASN D 256 -12.98 19.43 23.42
C ASN D 256 -13.54 20.76 22.88
N GLU D 257 -14.41 21.42 23.63
CA GLU D 257 -14.97 22.71 23.14
C GLU D 257 -13.90 23.77 22.90
N ALA D 258 -12.74 23.68 23.56
CA ALA D 258 -11.68 24.68 23.39
C ALA D 258 -10.76 24.32 22.22
N GLY D 259 -11.03 23.18 21.58
CA GLY D 259 -10.27 22.77 20.41
C GLY D 259 -9.02 21.99 20.74
N GLU D 260 -8.92 21.45 21.95
CA GLU D 260 -7.75 20.66 22.38
C GLU D 260 -8.03 19.17 22.35
N THR D 261 -7.11 18.38 21.78
CA THR D 261 -7.05 16.93 21.98
C THR D 261 -6.41 16.64 23.36
N ALA D 262 -6.43 15.36 23.78
CA ALA D 262 -5.84 14.95 25.02
C ALA D 262 -4.34 15.28 24.94
N LEU D 263 -3.76 15.10 23.73
CA LEU D 263 -2.33 15.35 23.51
C LEU D 263 -1.98 16.83 23.75
N ASP D 264 -2.74 17.74 23.13
CA ASP D 264 -2.65 19.19 23.42
C ASP D 264 -2.66 19.50 24.91
N ILE D 265 -3.59 18.92 25.68
CA ILE D 265 -3.62 19.21 27.12
C ILE D 265 -2.34 18.70 27.83
N ALA D 266 -1.94 17.45 27.57
CA ALA D 266 -0.70 16.89 28.11
C ALA D 266 0.51 17.83 27.82
N ARG D 267 0.64 18.27 26.58
CA ARG D 267 1.74 19.15 26.17
C ARG D 267 1.79 20.46 26.92
N LYS D 268 0.65 21.14 27.04
CA LYS D 268 0.63 22.44 27.67
C LYS D 268 0.81 22.34 29.20
N LYS D 269 0.46 21.20 29.77
CA LYS D 269 0.64 21.01 31.19
C LYS D 269 1.99 20.36 31.55
N HIS D 270 2.81 20.09 30.53
CA HIS D 270 4.09 19.38 30.73
C HIS D 270 3.90 18.03 31.37
N HIS D 271 2.77 17.40 31.03
CA HIS D 271 2.55 16.03 31.46
C HIS D 271 3.19 15.12 30.44
N LYS D 272 4.51 14.89 30.60
CA LYS D 272 5.32 14.35 29.54
C LYS D 272 5.08 12.87 29.32
N GLU D 273 4.90 12.15 30.41
CA GLU D 273 4.64 10.75 30.35
C GLU D 273 3.32 10.54 29.59
N CYS D 274 2.32 11.38 29.86
CA CYS D 274 1.05 11.39 29.14
C CYS D 274 1.21 11.70 27.67
N GLU D 275 1.97 12.76 27.32
CA GLU D 275 2.26 13.10 25.91
C GLU D 275 2.89 11.96 25.14
N GLU D 276 3.87 11.30 25.75
CA GLU D 276 4.57 10.21 25.09
C GLU D 276 3.59 9.06 24.78
N LEU D 277 2.77 8.67 25.76
CA LEU D 277 1.71 7.68 25.50
C LEU D 277 0.75 8.12 24.37
N LEU D 278 0.33 9.39 24.39
CA LEU D 278 -0.55 9.92 23.37
C LEU D 278 0.11 10.00 22.00
N GLU D 279 1.40 10.38 21.96
CA GLU D 279 2.13 10.40 20.69
C GLU D 279 2.25 9.07 20.08
N GLN D 280 2.60 8.05 20.91
CA GLN D 280 2.76 6.68 20.44
C GLN D 280 1.45 6.10 19.85
N ALA D 281 0.34 6.35 20.55
CA ALA D 281 -1.00 5.93 20.11
C ALA D 281 -1.35 6.51 18.75
N GLN D 282 -1.19 7.82 18.65
CA GLN D 282 -1.46 8.55 17.42
C GLN D 282 -0.58 8.14 16.21
N ALA D 283 0.70 7.82 16.46
CA ALA D 283 1.56 7.20 15.46
C ALA D 283 1.08 5.82 15.02
N GLY D 284 0.68 4.98 15.99
CA GLY D 284 0.03 3.70 15.74
C GLY D 284 -1.15 3.88 14.81
N THR D 285 -2.01 4.84 15.13
CA THR D 285 -3.15 5.15 14.29
C THR D 285 -2.78 5.43 12.83
N PHE D 286 -1.74 6.23 12.62
CA PHE D 286 -1.33 6.59 11.25
C PHE D 286 -0.35 5.60 10.59
N ALA D 287 -0.16 4.44 11.22
CA ALA D 287 0.65 3.35 10.69
C ALA D 287 -0.11 2.53 9.67
N PHE D 288 -1.43 2.71 9.59
CA PHE D 288 -2.27 1.97 8.67
C PHE D 288 -2.37 2.75 7.35
N PRO D 289 -2.06 2.12 6.20
CA PRO D 289 -1.96 2.95 4.99
C PRO D 289 -3.31 3.41 4.40
N LEU D 290 -3.29 4.58 3.78
CA LEU D 290 -4.44 5.02 3.00
C LEU D 290 -3.90 5.58 1.71
N HIS D 291 -3.96 4.78 0.66
CA HIS D 291 -3.55 5.24 -0.68
C HIS D 291 -4.61 6.11 -1.32
N VAL D 292 -4.19 7.27 -1.81
CA VAL D 292 -5.13 8.21 -2.44
C VAL D 292 -5.29 7.84 -3.93
N ASP D 293 -5.93 6.68 -4.14
CA ASP D 293 -6.12 6.10 -5.46
C ASP D 293 -7.51 6.23 -6.06
N TYR D 294 -8.48 6.71 -5.29
CA TYR D 294 -9.85 6.89 -5.80
C TYR D 294 -10.49 5.56 -6.13
N SER D 295 -9.98 4.49 -5.56
CA SER D 295 -10.54 3.16 -5.72
C SER D 295 -11.97 3.12 -5.15
N TRP D 296 -12.27 3.95 -4.12
CA TRP D 296 -13.64 4.06 -3.59
C TRP D 296 -14.65 4.57 -4.62
N VAL D 297 -14.17 5.06 -5.77
CA VAL D 297 -15.05 5.57 -6.85
C VAL D 297 -15.48 4.47 -7.86
N ILE D 298 -16.79 4.21 -7.84
CA ILE D 298 -17.44 3.16 -8.59
C ILE D 298 -18.01 3.74 -9.89
#